data_1DDG
#
_entry.id   1DDG
#
_cell.length_a   34.840
_cell.length_b   82.540
_cell.length_c   105.360
_cell.angle_alpha   79.71
_cell.angle_beta   83.05
_cell.angle_gamma   89.90
#
_symmetry.space_group_name_H-M   'P 1'
#
loop_
_entity.id
_entity.type
_entity.pdbx_description
1 polymer 'SULFITE REDUCTASE (NADPH) FLAVOPROTEIN ALPHA-COMPONENT'
2 non-polymer 'FLAVIN-ADENINE DINUCLEOTIDE'
3 non-polymer 'SULFATE ION'
4 water water
#
_entity_poly.entity_id   1
_entity_poly.type   'polypeptide(L)'
_entity_poly.pdbx_seq_one_letter_code
;IHTSPYSKDAPLVASLSVNQKITGRNSEKDVRHIEIDLGDSGLRYQPGDALGVWYQNDPALVKELVELLWLKGDEPVTVE
GKTLPLNEALQWHFELTVNTANIVENYATLTRSETLLPLVGDKAKLQHYAATTPIVDMVRFSPAQLDAEALINLLRPLTP
RLYSIASSQAEVENEVHVTVGVVRYDVEGRARAGGASSFLADRVEEEGEVRVFIEHNDNFRLPANPETPVIMIGPGTGIA
PFRAFMQQRAADEAPGKNWLFFGNPHFTEDFLYQVEWQRYVKEGVLTRIDLAWSRDQKEKVYVQDKLREQGAELWRWIND
GAHIYVCGDANRMAKDVEQALLEVIAEFGGMDTEAADEFLSELRVERRYQRDVY
;
_entity_poly.pdbx_strand_id   A,B
#
# COMPACT_ATOMS: atom_id res chain seq x y z
N ILE A 1 -66.11 16.84 26.06
CA ILE A 1 -67.54 16.64 26.23
C ILE A 1 -68.25 17.89 26.75
N HIS A 2 -67.57 18.68 27.58
CA HIS A 2 -68.06 19.93 28.14
C HIS A 2 -67.29 20.30 29.41
N THR A 3 -66.04 19.88 29.52
CA THR A 3 -65.02 20.16 30.51
C THR A 3 -64.30 18.89 30.99
N SER A 4 -63.16 19.09 31.65
CA SER A 4 -62.45 18.05 32.39
C SER A 4 -61.29 18.58 33.23
N PRO A 5 -61.49 18.71 34.54
CA PRO A 5 -60.49 19.32 35.43
C PRO A 5 -59.45 18.39 36.03
N TYR A 6 -58.99 17.33 35.38
CA TYR A 6 -57.92 16.49 35.92
C TYR A 6 -56.69 16.63 35.04
N SER A 7 -55.54 16.68 35.71
CA SER A 7 -54.29 16.84 34.99
C SER A 7 -53.16 16.40 35.92
N LYS A 8 -51.92 16.50 35.48
CA LYS A 8 -50.80 15.97 36.25
C LYS A 8 -50.80 16.41 37.71
N ASP A 9 -51.01 17.69 37.98
CA ASP A 9 -50.89 18.17 39.35
C ASP A 9 -52.25 18.25 40.05
N ALA A 10 -53.28 17.86 39.32
CA ALA A 10 -54.64 17.79 39.85
C ALA A 10 -55.27 16.51 39.34
N PRO A 11 -54.70 15.35 39.71
CA PRO A 11 -55.11 14.06 39.19
C PRO A 11 -56.47 13.58 39.68
N LEU A 12 -57.08 12.72 38.88
CA LEU A 12 -58.30 12.01 39.25
C LEU A 12 -57.96 10.86 40.21
N VAL A 13 -58.58 10.82 41.39
CA VAL A 13 -58.42 9.67 42.26
C VAL A 13 -59.38 8.60 41.76
N ALA A 14 -58.78 7.56 41.19
CA ALA A 14 -59.57 6.49 40.60
C ALA A 14 -59.46 5.20 41.41
N SER A 15 -60.11 4.16 40.89
CA SER A 15 -60.22 2.89 41.56
C SER A 15 -59.58 1.78 40.74
N LEU A 16 -58.71 1.00 41.35
CA LEU A 16 -58.01 -0.12 40.71
C LEU A 16 -58.94 -1.31 40.58
N SER A 17 -59.50 -1.62 39.41
CA SER A 17 -60.51 -2.68 39.37
C SER A 17 -59.93 -4.08 39.20
N VAL A 18 -58.99 -4.17 38.29
CA VAL A 18 -58.36 -5.39 37.82
C VAL A 18 -56.84 -5.24 37.82
N ASN A 19 -56.17 -6.22 38.41
CA ASN A 19 -54.72 -6.34 38.47
C ASN A 19 -54.34 -7.81 38.25
N GLN A 20 -54.06 -8.16 37.00
CA GLN A 20 -53.92 -9.51 36.49
C GLN A 20 -52.57 -9.77 35.84
N LYS A 21 -51.87 -10.80 36.28
CA LYS A 21 -50.58 -11.19 35.68
C LYS A 21 -50.87 -11.85 34.34
N ILE A 22 -50.20 -11.40 33.29
CA ILE A 22 -50.60 -11.78 31.92
C ILE A 22 -49.50 -12.59 31.27
N THR A 23 -48.41 -12.73 32.04
CA THR A 23 -47.29 -13.60 31.69
C THR A 23 -47.48 -14.95 32.38
N GLY A 24 -46.91 -16.02 31.84
CA GLY A 24 -47.01 -17.32 32.43
C GLY A 24 -46.18 -17.53 33.69
N ARG A 25 -46.60 -18.53 34.45
N ARG A 25 -46.59 -18.52 34.47
CA ARG A 25 -46.03 -18.96 35.71
CA ARG A 25 -46.01 -18.88 35.75
C ARG A 25 -44.53 -19.13 35.67
C ARG A 25 -44.52 -19.13 35.67
N ASN A 26 -43.94 -19.34 34.49
CA ASN A 26 -42.48 -19.46 34.46
C ASN A 26 -41.91 -18.39 33.56
N SER A 27 -42.66 -17.29 33.39
CA SER A 27 -42.03 -16.22 32.63
C SER A 27 -40.92 -15.56 33.46
N GLU A 28 -39.91 -15.01 32.80
CA GLU A 28 -38.81 -14.32 33.46
C GLU A 28 -39.25 -12.95 33.95
N LYS A 29 -40.34 -12.48 33.36
CA LYS A 29 -40.93 -11.16 33.56
C LYS A 29 -42.37 -11.26 34.08
N ASP A 30 -42.76 -10.28 34.88
CA ASP A 30 -44.10 -10.18 35.45
C ASP A 30 -44.80 -9.04 34.74
N VAL A 31 -45.82 -9.31 33.92
CA VAL A 31 -46.58 -8.24 33.29
C VAL A 31 -48.02 -8.28 33.80
N ARG A 32 -48.54 -7.14 34.23
CA ARG A 32 -49.89 -6.96 34.72
C ARG A 32 -50.77 -6.21 33.72
N HIS A 33 -51.93 -6.79 33.46
CA HIS A 33 -53.05 -6.12 32.81
C HIS A 33 -53.80 -5.39 33.93
N ILE A 34 -53.89 -4.06 33.84
CA ILE A 34 -54.57 -3.36 34.94
C ILE A 34 -55.75 -2.56 34.42
N GLU A 35 -56.89 -2.59 35.11
CA GLU A 35 -58.02 -1.80 34.65
C GLU A 35 -58.39 -0.81 35.75
N ILE A 36 -58.52 0.46 35.38
CA ILE A 36 -58.86 1.45 36.41
C ILE A 36 -60.23 2.01 36.10
N ASP A 37 -61.11 2.08 37.10
CA ASP A 37 -62.45 2.62 36.87
C ASP A 37 -62.47 4.14 36.93
N LEU A 38 -63.03 4.80 35.90
CA LEU A 38 -63.11 6.24 35.82
C LEU A 38 -64.40 6.81 36.40
N GLY A 39 -65.27 5.94 36.90
CA GLY A 39 -66.54 6.32 37.45
C GLY A 39 -67.30 7.32 36.61
N ASP A 40 -67.88 8.29 37.28
CA ASP A 40 -68.66 9.33 36.63
C ASP A 40 -67.80 10.56 36.34
N SER A 41 -66.48 10.40 36.37
CA SER A 41 -65.53 11.47 36.18
C SER A 41 -65.66 12.13 34.82
N GLY A 42 -66.05 11.39 33.79
CA GLY A 42 -66.08 11.97 32.47
C GLY A 42 -64.71 12.08 31.84
N LEU A 43 -63.67 11.50 32.43
CA LEU A 43 -62.35 11.47 31.84
C LEU A 43 -62.37 10.74 30.50
N ARG A 44 -61.83 11.33 29.45
CA ARG A 44 -61.78 10.81 28.10
C ARG A 44 -60.33 10.75 27.58
N TYR A 45 -60.09 9.81 26.67
CA TYR A 45 -58.81 9.60 26.03
C TYR A 45 -59.00 8.99 24.64
N GLN A 46 -57.98 9.01 23.80
CA GLN A 46 -58.01 8.35 22.51
C GLN A 46 -56.94 7.27 22.43
N PRO A 47 -57.17 6.23 21.63
CA PRO A 47 -56.11 5.22 21.42
C PRO A 47 -54.83 5.92 20.97
N GLY A 48 -53.73 5.62 21.65
CA GLY A 48 -52.50 6.36 21.40
C GLY A 48 -52.14 7.26 22.56
N ASP A 49 -53.12 7.61 23.39
CA ASP A 49 -52.78 8.39 24.60
C ASP A 49 -52.05 7.53 25.61
N ALA A 50 -51.50 8.17 26.65
CA ALA A 50 -50.84 7.48 27.75
C ALA A 50 -51.58 7.83 29.04
N LEU A 51 -51.45 6.97 30.04
CA LEU A 51 -52.06 7.31 31.33
C LEU A 51 -50.94 7.69 32.29
N GLY A 52 -51.07 8.85 32.93
CA GLY A 52 -50.10 9.30 33.93
C GLY A 52 -50.53 8.67 35.26
N VAL A 53 -49.61 8.08 36.00
CA VAL A 53 -49.95 7.39 37.24
C VAL A 53 -48.99 7.82 38.34
N TRP A 54 -49.56 8.43 39.36
CA TRP A 54 -48.80 8.78 40.55
C TRP A 54 -48.59 7.53 41.38
N TYR A 55 -47.50 7.49 42.14
CA TYR A 55 -47.30 6.30 42.99
C TYR A 55 -46.73 6.72 44.34
N GLN A 56 -46.68 5.75 45.26
CA GLN A 56 -45.88 6.03 46.46
C GLN A 56 -44.82 4.95 46.60
N ASN A 57 -43.72 5.29 47.26
CA ASN A 57 -42.67 4.29 47.43
C ASN A 57 -43.12 3.27 48.47
N ASP A 58 -42.50 2.10 48.37
CA ASP A 58 -42.72 0.99 49.28
C ASP A 58 -42.37 1.45 50.68
N PRO A 59 -43.27 1.33 51.64
CA PRO A 59 -42.95 1.73 53.02
C PRO A 59 -41.74 0.99 53.57
N ALA A 60 -41.55 -0.27 53.18
CA ALA A 60 -40.42 -1.06 53.66
C ALA A 60 -39.09 -0.55 53.14
N LEU A 61 -39.07 -0.04 51.92
CA LEU A 61 -37.86 0.56 51.36
C LEU A 61 -37.55 1.86 52.11
N VAL A 62 -38.60 2.65 52.35
CA VAL A 62 -38.40 3.89 53.10
C VAL A 62 -37.82 3.56 54.47
N LYS A 63 -38.38 2.62 55.21
CA LYS A 63 -37.83 2.26 56.51
C LYS A 63 -36.38 1.80 56.40
N GLU A 64 -36.09 1.00 55.37
CA GLU A 64 -34.72 0.52 55.21
C GLU A 64 -33.71 1.65 55.02
N LEU A 65 -34.01 2.56 54.10
CA LEU A 65 -33.11 3.68 53.80
C LEU A 65 -32.84 4.49 55.06
N VAL A 66 -33.94 4.84 55.72
CA VAL A 66 -33.84 5.71 56.89
C VAL A 66 -33.04 5.10 58.03
N GLU A 67 -33.20 3.80 58.27
CA GLU A 67 -32.47 3.15 59.36
C GLU A 67 -30.99 3.03 59.01
N LEU A 68 -30.63 2.87 57.75
CA LEU A 68 -29.25 2.79 57.27
C LEU A 68 -28.49 4.08 57.53
N LEU A 69 -29.21 5.17 57.46
CA LEU A 69 -28.76 6.53 57.65
C LEU A 69 -28.80 6.99 59.09
N TRP A 70 -29.15 6.10 60.01
CA TRP A 70 -29.19 6.49 61.43
C TRP A 70 -30.29 7.51 61.69
N LEU A 71 -31.41 7.40 60.99
CA LEU A 71 -32.50 8.36 61.18
C LEU A 71 -33.67 7.59 61.80
N LYS A 72 -34.67 8.24 62.36
CA LYS A 72 -35.83 7.57 62.94
C LYS A 72 -37.01 7.47 61.96
N GLY A 73 -37.15 8.39 61.02
CA GLY A 73 -38.32 8.36 60.13
C GLY A 73 -39.23 9.52 60.52
N ASP A 74 -39.32 9.82 61.82
CA ASP A 74 -40.07 11.03 62.15
C ASP A 74 -39.25 12.22 61.67
N GLU A 75 -38.81 13.15 62.50
CA GLU A 75 -37.91 14.18 61.99
C GLU A 75 -38.61 15.02 60.92
N PRO A 76 -38.95 16.24 61.31
CA PRO A 76 -39.68 17.13 60.40
C PRO A 76 -38.76 17.62 59.29
N VAL A 77 -39.40 17.66 58.15
CA VAL A 77 -38.72 17.98 56.90
C VAL A 77 -39.67 18.87 56.13
N THR A 78 -39.17 19.82 55.37
CA THR A 78 -40.12 20.67 54.63
C THR A 78 -40.01 20.38 53.14
N VAL A 79 -41.16 20.17 52.52
CA VAL A 79 -41.20 19.84 51.09
C VAL A 79 -42.26 20.70 50.42
N GLU A 80 -41.79 21.56 49.53
CA GLU A 80 -42.63 22.46 48.75
C GLU A 80 -43.76 23.06 49.57
N GLY A 81 -43.41 23.78 50.63
CA GLY A 81 -44.35 24.43 51.50
C GLY A 81 -44.90 23.61 52.62
N LYS A 82 -44.66 22.30 52.75
CA LYS A 82 -45.34 21.58 53.84
C LYS A 82 -44.39 20.79 54.73
N THR A 83 -44.55 20.94 56.05
CA THR A 83 -43.74 20.24 57.04
C THR A 83 -44.33 18.86 57.31
N LEU A 84 -43.51 17.85 57.07
CA LEU A 84 -43.83 16.44 57.13
C LEU A 84 -42.80 15.64 57.92
N PRO A 85 -43.23 14.58 58.61
CA PRO A 85 -42.21 13.68 59.16
C PRO A 85 -41.40 13.09 58.00
N LEU A 86 -40.13 12.82 58.16
CA LEU A 86 -39.27 12.18 57.19
C LEU A 86 -39.93 11.06 56.41
N ASN A 87 -40.52 10.09 57.09
CA ASN A 87 -41.08 8.91 56.44
C ASN A 87 -42.15 9.21 55.41
N GLU A 88 -42.98 10.21 55.69
CA GLU A 88 -44.06 10.51 54.76
C GLU A 88 -43.54 11.28 53.56
N ALA A 89 -42.52 12.10 53.78
CA ALA A 89 -41.92 12.85 52.69
C ALA A 89 -41.26 11.92 51.68
N LEU A 90 -40.57 10.92 52.20
CA LEU A 90 -39.87 9.96 51.37
C LEU A 90 -40.85 9.02 50.68
N GLN A 91 -41.91 8.63 51.36
CA GLN A 91 -42.87 7.73 50.72
C GLN A 91 -43.63 8.46 49.63
N TRP A 92 -43.97 9.73 49.84
CA TRP A 92 -44.86 10.37 48.87
C TRP A 92 -44.18 11.35 47.94
N HIS A 93 -43.03 11.91 48.26
CA HIS A 93 -42.59 13.06 47.45
C HIS A 93 -41.18 12.97 46.88
N PHE A 94 -40.49 11.86 47.10
CA PHE A 94 -39.12 11.76 46.59
C PHE A 94 -38.94 10.47 45.82
N GLU A 95 -38.17 10.55 44.75
CA GLU A 95 -37.77 9.36 44.01
C GLU A 95 -36.74 8.58 44.83
N LEU A 96 -36.96 7.28 44.97
CA LEU A 96 -36.05 6.45 45.75
C LEU A 96 -35.46 5.30 44.94
N THR A 97 -36.05 5.03 43.78
CA THR A 97 -35.80 3.84 42.98
C THR A 97 -35.06 4.03 41.67
N VAL A 98 -34.59 5.24 41.41
CA VAL A 98 -33.79 5.63 40.26
C VAL A 98 -32.52 6.36 40.71
N ASN A 99 -31.39 5.67 40.62
CA ASN A 99 -30.12 6.29 41.00
C ASN A 99 -29.58 7.01 39.77
N THR A 100 -28.74 8.02 39.98
CA THR A 100 -28.12 8.79 38.92
C THR A 100 -26.67 9.11 39.28
N ALA A 101 -25.83 9.38 38.29
CA ALA A 101 -24.43 9.73 38.57
C ALA A 101 -24.29 10.90 39.54
N ASN A 102 -25.19 11.87 39.52
CA ASN A 102 -25.07 13.05 40.38
C ASN A 102 -25.38 12.73 41.82
N ILE A 103 -26.41 11.90 41.99
CA ILE A 103 -26.75 11.45 43.33
C ILE A 103 -25.56 10.68 43.89
N VAL A 104 -25.03 9.75 43.10
CA VAL A 104 -23.91 8.94 43.56
C VAL A 104 -22.74 9.84 43.95
N GLU A 105 -22.46 10.82 43.10
CA GLU A 105 -21.40 11.78 43.32
C GLU A 105 -21.65 12.64 44.55
N ASN A 106 -22.86 13.14 44.76
CA ASN A 106 -23.16 13.93 45.96
C ASN A 106 -23.21 13.11 47.23
N TYR A 107 -23.61 11.85 47.19
CA TYR A 107 -23.61 11.07 48.41
C TYR A 107 -22.17 10.81 48.88
N ALA A 108 -21.38 10.37 47.90
CA ALA A 108 -19.98 10.07 48.08
C ALA A 108 -19.27 11.27 48.71
N THR A 109 -19.53 12.39 48.08
CA THR A 109 -18.93 13.67 48.45
C THR A 109 -19.40 14.11 49.83
N LEU A 110 -20.71 14.06 50.04
CA LEU A 110 -21.37 14.41 51.28
C LEU A 110 -20.91 13.55 52.45
N THR A 111 -20.80 12.25 52.22
CA THR A 111 -20.43 11.36 53.31
C THR A 111 -18.94 11.07 53.35
N ARG A 112 -18.17 11.57 52.38
CA ARG A 112 -16.77 11.22 52.23
C ARG A 112 -16.56 9.70 52.27
N SER A 113 -17.27 8.99 51.41
CA SER A 113 -17.20 7.53 51.30
C SER A 113 -15.87 7.10 50.70
N GLU A 114 -15.09 6.45 51.55
CA GLU A 114 -13.81 5.94 51.08
C GLU A 114 -13.97 5.05 49.86
N THR A 115 -15.06 4.27 49.81
CA THR A 115 -15.24 3.38 48.66
C THR A 115 -15.94 4.01 47.47
N LEU A 116 -16.66 5.12 47.59
CA LEU A 116 -17.36 5.74 46.47
C LEU A 116 -16.61 6.91 45.83
N LEU A 117 -15.77 7.58 46.58
CA LEU A 117 -14.96 8.72 46.18
C LEU A 117 -14.08 8.52 44.96
N PRO A 118 -13.41 7.40 44.74
CA PRO A 118 -12.66 7.21 43.49
C PRO A 118 -13.49 7.31 42.22
N LEU A 119 -14.82 7.28 42.32
CA LEU A 119 -15.69 7.42 41.17
C LEU A 119 -15.93 8.89 40.81
N VAL A 120 -15.82 9.74 41.83
CA VAL A 120 -16.17 11.15 41.73
C VAL A 120 -15.56 11.77 40.49
N GLY A 121 -16.36 12.48 39.70
CA GLY A 121 -15.92 13.11 38.46
C GLY A 121 -15.23 12.17 37.51
N ASP A 122 -15.51 10.86 37.63
CA ASP A 122 -14.81 9.89 36.79
C ASP A 122 -15.70 9.50 35.60
N LYS A 123 -16.81 10.19 35.49
CA LYS A 123 -17.84 10.32 34.50
C LYS A 123 -18.80 9.15 34.27
N ALA A 124 -18.29 8.19 33.51
CA ALA A 124 -19.01 6.98 33.14
C ALA A 124 -18.97 5.92 34.24
N LYS A 125 -18.00 6.01 35.15
CA LYS A 125 -17.97 5.16 36.34
C LYS A 125 -19.17 5.44 37.24
N LEU A 126 -19.52 6.71 37.34
CA LEU A 126 -20.66 7.21 38.08
C LEU A 126 -21.99 6.73 37.49
N GLN A 127 -22.11 6.82 36.17
CA GLN A 127 -23.32 6.40 35.47
C GLN A 127 -23.52 4.90 35.54
N HIS A 128 -22.37 4.20 35.54
CA HIS A 128 -22.40 2.75 35.58
C HIS A 128 -22.73 2.26 36.98
N TYR A 129 -22.17 2.92 37.99
CA TYR A 129 -22.55 2.55 39.36
C TYR A 129 -24.02 2.84 39.62
N ALA A 130 -24.54 3.98 39.18
CA ALA A 130 -25.96 4.32 39.36
C ALA A 130 -26.91 3.40 38.61
N ALA A 131 -26.54 2.83 37.45
CA ALA A 131 -27.42 1.95 36.69
C ALA A 131 -27.51 0.56 37.29
N THR A 132 -26.49 0.25 38.05
CA THR A 132 -26.10 -1.01 38.64
C THR A 132 -26.51 -1.16 40.10
N THR A 133 -26.60 -0.05 40.81
CA THR A 133 -26.82 0.03 42.25
C THR A 133 -27.89 1.05 42.63
N PRO A 134 -29.05 0.59 43.05
CA PRO A 134 -30.09 1.49 43.58
C PRO A 134 -29.54 2.32 44.74
N ILE A 135 -30.24 3.41 45.02
CA ILE A 135 -29.85 4.34 46.07
C ILE A 135 -29.76 3.67 47.42
N VAL A 136 -30.72 2.80 47.74
CA VAL A 136 -30.70 2.19 49.07
C VAL A 136 -29.53 1.21 49.18
N ASP A 137 -29.12 0.62 48.05
CA ASP A 137 -28.00 -0.30 48.01
C ASP A 137 -26.68 0.44 47.99
N MET A 138 -26.68 1.58 47.30
CA MET A 138 -25.56 2.49 47.45
C MET A 138 -25.33 2.82 48.92
N VAL A 139 -26.34 3.12 49.76
CA VAL A 139 -25.93 3.46 51.13
C VAL A 139 -25.78 2.20 51.97
N ARG A 140 -26.43 1.09 51.60
N ARG A 140 -26.44 1.11 51.58
CA ARG A 140 -26.22 -0.17 52.30
CA ARG A 140 -26.22 -0.17 52.27
C ARG A 140 -24.75 -0.61 52.20
C ARG A 140 -24.75 -0.57 52.21
N PHE A 141 -24.15 -0.39 51.05
CA PHE A 141 -22.79 -0.76 50.74
C PHE A 141 -21.77 0.25 51.28
N SER A 142 -22.20 1.48 51.51
CA SER A 142 -21.36 2.51 52.09
C SER A 142 -22.15 3.43 53.01
N PRO A 143 -22.61 2.89 54.13
CA PRO A 143 -23.52 3.66 54.98
C PRO A 143 -22.79 4.81 55.69
N ALA A 144 -23.57 5.77 56.15
CA ALA A 144 -23.08 6.98 56.77
C ALA A 144 -24.26 7.65 57.48
N GLN A 145 -23.96 8.40 58.51
CA GLN A 145 -24.92 9.20 59.26
C GLN A 145 -25.32 10.45 58.48
N LEU A 146 -26.61 10.60 58.19
CA LEU A 146 -27.11 11.78 57.51
C LEU A 146 -28.20 12.46 58.33
N ASP A 147 -28.29 13.79 58.25
CA ASP A 147 -29.48 14.38 58.90
C ASP A 147 -30.61 14.37 57.86
N ALA A 148 -31.83 14.43 58.37
CA ALA A 148 -33.01 14.31 57.51
C ALA A 148 -32.99 15.35 56.40
N GLU A 149 -32.46 16.55 56.68
CA GLU A 149 -32.48 17.61 55.67
C GLU A 149 -31.45 17.39 54.56
N ALA A 150 -30.32 16.81 54.93
CA ALA A 150 -29.22 16.49 54.03
C ALA A 150 -29.63 15.39 53.03
N LEU A 151 -30.38 14.41 53.53
CA LEU A 151 -30.96 13.34 52.74
C LEU A 151 -31.91 13.89 51.66
N ILE A 152 -32.91 14.63 52.10
CA ILE A 152 -33.99 15.06 51.23
C ILE A 152 -33.51 16.05 50.18
N ASN A 153 -32.42 16.69 50.53
CA ASN A 153 -31.65 17.57 49.68
C ASN A 153 -30.85 16.86 48.61
N LEU A 154 -30.43 15.62 48.85
CA LEU A 154 -29.78 14.73 47.93
C LEU A 154 -30.71 14.20 46.83
N LEU A 155 -31.97 14.03 47.16
CA LEU A 155 -32.99 13.29 46.44
C LEU A 155 -33.76 14.16 45.45
N ARG A 156 -34.30 13.47 44.43
CA ARG A 156 -35.09 14.15 43.41
C ARG A 156 -36.58 13.93 43.67
N PRO A 157 -37.43 14.87 43.28
CA PRO A 157 -38.86 14.74 43.62
C PRO A 157 -39.50 13.57 42.88
N LEU A 158 -40.52 13.01 43.50
CA LEU A 158 -41.28 11.90 42.93
C LEU A 158 -42.11 12.45 41.78
N THR A 159 -42.15 11.73 40.66
CA THR A 159 -42.95 12.11 39.50
C THR A 159 -43.77 10.91 39.01
N PRO A 160 -44.90 11.17 38.38
CA PRO A 160 -45.74 10.10 37.83
C PRO A 160 -45.03 9.39 36.68
N ARG A 161 -45.39 8.13 36.47
CA ARG A 161 -44.97 7.32 35.34
C ARG A 161 -46.06 7.24 34.26
N LEU A 162 -45.67 7.17 33.00
CA LEU A 162 -46.56 7.07 31.84
C LEU A 162 -46.69 5.60 31.40
N TYR A 163 -47.91 5.16 31.09
CA TYR A 163 -48.22 3.84 30.58
C TYR A 163 -49.11 3.98 29.35
N SER A 164 -48.75 3.40 28.22
CA SER A 164 -49.60 3.53 27.04
C SER A 164 -50.97 2.91 27.28
N ILE A 165 -52.05 3.61 26.96
CA ILE A 165 -53.39 3.08 27.24
C ILE A 165 -53.67 1.88 26.34
N ALA A 166 -54.16 0.80 26.95
CA ALA A 166 -54.35 -0.49 26.29
C ALA A 166 -55.81 -0.75 25.98
N SER A 167 -56.60 0.33 25.96
CA SER A 167 -58.03 0.18 25.70
C SER A 167 -58.57 1.32 24.86
N SER A 168 -59.71 1.10 24.23
CA SER A 168 -60.42 2.20 23.59
C SER A 168 -61.74 2.41 24.32
N GLN A 169 -62.13 3.65 24.56
CA GLN A 169 -63.39 4.00 25.18
C GLN A 169 -64.57 3.65 24.28
N ALA A 170 -64.36 3.56 22.96
CA ALA A 170 -65.41 3.07 22.07
C ALA A 170 -65.87 1.68 22.51
N GLU A 171 -64.98 0.91 23.12
CA GLU A 171 -65.25 -0.44 23.57
C GLU A 171 -65.49 -0.54 25.07
N VAL A 172 -64.54 0.04 25.79
CA VAL A 172 -64.50 0.01 27.25
C VAL A 172 -65.26 1.19 27.73
N GLU A 173 -65.85 1.58 28.86
CA GLU A 173 -66.26 3.00 28.47
C GLU A 173 -65.48 3.92 29.42
N ASN A 174 -66.05 3.98 30.56
CA ASN A 174 -65.94 4.24 31.93
C ASN A 174 -64.63 3.78 32.58
N GLU A 175 -63.67 3.37 31.78
CA GLU A 175 -62.47 2.67 32.16
C GLU A 175 -61.22 2.97 31.30
N VAL A 176 -60.07 2.75 31.93
N VAL A 176 -60.08 2.79 31.94
CA VAL A 176 -58.79 2.81 31.23
CA VAL A 176 -58.76 2.82 31.31
C VAL A 176 -57.96 1.60 31.64
C VAL A 176 -58.00 1.53 31.64
N HIS A 177 -57.41 0.95 30.62
CA HIS A 177 -56.62 -0.25 30.79
C HIS A 177 -55.15 0.04 30.45
N VAL A 178 -54.27 -0.63 31.18
CA VAL A 178 -52.84 -0.33 30.97
C VAL A 178 -52.07 -1.64 31.03
N THR A 179 -50.88 -1.72 30.45
CA THR A 179 -50.10 -2.96 30.37
C THR A 179 -48.78 -2.74 31.09
N VAL A 180 -48.66 -3.22 32.33
CA VAL A 180 -47.52 -2.81 33.17
C VAL A 180 -46.50 -3.93 33.38
N GLY A 181 -45.33 -3.77 32.77
CA GLY A 181 -44.22 -4.70 33.04
C GLY A 181 -43.61 -4.35 34.38
N VAL A 182 -43.64 -5.25 35.37
CA VAL A 182 -43.17 -4.71 36.65
C VAL A 182 -41.69 -5.05 36.82
N VAL A 183 -40.95 -3.97 37.10
CA VAL A 183 -39.50 -3.93 37.20
C VAL A 183 -39.06 -4.56 38.52
N ARG A 184 -38.53 -5.77 38.40
CA ARG A 184 -38.14 -6.55 39.55
C ARG A 184 -36.72 -7.07 39.35
N TYR A 185 -35.87 -6.97 40.36
CA TYR A 185 -34.49 -7.43 40.21
C TYR A 185 -33.84 -7.62 41.57
N ASP A 186 -32.69 -8.30 41.61
CA ASP A 186 -32.14 -8.35 42.98
C ASP A 186 -30.72 -7.77 42.96
N VAL A 187 -30.30 -7.32 44.14
CA VAL A 187 -29.03 -6.62 44.32
C VAL A 187 -28.23 -7.27 45.46
N GLU A 188 -27.25 -8.07 45.07
CA GLU A 188 -26.41 -8.75 46.04
C GLU A 188 -27.26 -9.49 47.05
N GLY A 189 -28.35 -10.10 46.58
CA GLY A 189 -29.20 -10.90 47.43
C GLY A 189 -30.45 -10.21 47.92
N ARG A 190 -30.62 -8.93 47.59
CA ARG A 190 -31.83 -8.24 48.01
C ARG A 190 -32.74 -7.93 46.83
N ALA A 191 -34.01 -8.22 47.06
CA ALA A 191 -35.09 -7.93 46.15
C ALA A 191 -35.32 -6.43 45.98
N ARG A 192 -35.19 -5.93 44.76
CA ARG A 192 -35.50 -4.53 44.47
C ARG A 192 -36.57 -4.43 43.40
N ALA A 193 -37.17 -3.28 43.19
CA ALA A 193 -38.22 -3.11 42.19
C ALA A 193 -38.38 -1.66 41.78
N GLY A 194 -38.90 -1.44 40.58
CA GLY A 194 -39.26 -0.10 40.14
C GLY A 194 -40.42 0.43 40.97
N GLY A 195 -40.43 1.73 41.21
CA GLY A 195 -41.32 2.46 42.06
C GLY A 195 -42.78 2.35 41.66
N ALA A 196 -43.16 2.87 40.51
CA ALA A 196 -44.54 2.85 40.07
C ALA A 196 -45.02 1.47 39.64
N SER A 197 -44.17 0.69 38.95
CA SER A 197 -44.71 -0.59 38.47
C SER A 197 -44.92 -1.56 39.63
N SER A 198 -44.11 -1.50 40.68
CA SER A 198 -44.35 -2.34 41.86
C SER A 198 -45.43 -1.75 42.78
N PHE A 199 -45.67 -0.45 42.69
CA PHE A 199 -46.76 0.14 43.46
C PHE A 199 -48.12 -0.38 43.00
N LEU A 200 -48.34 -0.39 41.69
CA LEU A 200 -49.53 -0.89 41.02
C LEU A 200 -49.68 -2.40 41.17
N ALA A 201 -48.59 -3.13 40.98
CA ALA A 201 -48.54 -4.57 41.06
C ALA A 201 -48.78 -5.07 42.47
N ASP A 202 -48.18 -4.39 43.45
CA ASP A 202 -48.09 -4.93 44.79
C ASP A 202 -48.77 -4.12 45.88
N ARG A 203 -48.97 -2.81 45.74
CA ARG A 203 -49.28 -2.08 46.99
C ARG A 203 -50.67 -1.49 47.02
N VAL A 204 -51.54 -1.83 46.07
CA VAL A 204 -52.96 -1.47 46.04
C VAL A 204 -53.79 -2.70 45.69
N GLU A 205 -54.55 -3.20 46.65
CA GLU A 205 -55.31 -4.44 46.54
C GLU A 205 -56.27 -4.54 45.37
N GLU A 206 -57.54 -4.27 45.66
CA GLU A 206 -58.52 -4.18 44.60
C GLU A 206 -59.56 -3.11 44.92
N GLU A 207 -59.65 -2.21 43.95
CA GLU A 207 -60.63 -1.16 43.87
C GLU A 207 -60.16 -0.03 44.77
N GLY A 208 -59.01 -0.21 45.39
CA GLY A 208 -58.22 0.77 46.12
C GLY A 208 -57.83 1.95 45.23
N GLU A 209 -57.49 3.11 45.78
CA GLU A 209 -57.33 4.30 44.97
C GLU A 209 -56.00 4.39 44.23
N VAL A 210 -56.05 4.99 43.05
CA VAL A 210 -54.91 5.37 42.22
C VAL A 210 -55.17 6.77 41.66
N ARG A 211 -54.12 7.58 41.60
CA ARG A 211 -54.15 8.96 41.15
C ARG A 211 -53.64 9.02 39.72
N VAL A 212 -54.48 9.51 38.83
CA VAL A 212 -54.43 9.22 37.40
C VAL A 212 -54.71 10.44 36.55
N PHE A 213 -54.07 10.55 35.38
CA PHE A 213 -54.35 11.62 34.44
C PHE A 213 -53.96 11.15 33.03
N ILE A 214 -54.50 11.80 32.02
CA ILE A 214 -54.25 11.48 30.62
C ILE A 214 -53.18 12.38 30.04
N GLU A 215 -52.19 11.72 29.44
CA GLU A 215 -51.19 12.42 28.64
C GLU A 215 -51.51 12.22 27.17
N HIS A 216 -52.06 13.23 26.51
CA HIS A 216 -52.46 13.07 25.11
C HIS A 216 -51.28 12.97 24.17
N ASN A 217 -51.45 12.11 23.15
CA ASN A 217 -50.43 11.97 22.12
C ASN A 217 -51.04 12.13 20.75
N ASP A 218 -51.15 13.35 20.24
CA ASP A 218 -51.80 13.47 18.92
C ASP A 218 -50.91 13.00 17.77
N ASN A 219 -49.68 12.58 18.04
CA ASN A 219 -48.78 12.10 17.00
C ASN A 219 -48.72 10.58 16.97
N PHE A 220 -49.70 9.93 17.56
CA PHE A 220 -49.78 8.47 17.61
C PHE A 220 -51.25 8.09 17.60
N ARG A 221 -51.79 7.91 16.40
CA ARG A 221 -53.21 7.83 16.15
C ARG A 221 -53.57 6.98 14.93
N LEU A 222 -54.69 6.29 15.07
CA LEU A 222 -55.24 5.51 13.96
C LEU A 222 -55.56 6.41 12.78
N PRO A 223 -55.53 5.81 11.59
CA PRO A 223 -55.99 6.61 10.45
C PRO A 223 -57.44 7.01 10.70
N ALA A 224 -57.76 8.22 10.29
CA ALA A 224 -59.12 8.50 9.84
C ALA A 224 -59.26 7.64 8.60
N ASN A 225 -60.42 7.25 8.15
CA ASN A 225 -60.52 6.33 7.02
C ASN A 225 -60.14 4.93 7.53
N PRO A 226 -61.25 4.30 7.86
CA PRO A 226 -61.31 2.96 8.41
C PRO A 226 -60.88 1.92 7.36
N GLU A 227 -60.74 2.37 6.12
CA GLU A 227 -60.33 1.49 5.04
C GLU A 227 -58.82 1.40 4.95
N THR A 228 -58.11 2.32 5.59
CA THR A 228 -56.65 2.31 5.52
C THR A 228 -56.02 1.17 6.29
N PRO A 229 -55.07 0.46 5.71
CA PRO A 229 -54.38 -0.60 6.44
C PRO A 229 -53.42 -0.02 7.47
N VAL A 230 -53.26 -0.77 8.56
CA VAL A 230 -52.33 -0.38 9.60
C VAL A 230 -51.43 -1.56 9.99
N ILE A 231 -50.14 -1.27 10.09
CA ILE A 231 -49.11 -2.20 10.53
C ILE A 231 -48.59 -1.76 11.89
N MET A 232 -48.73 -2.66 12.86
CA MET A 232 -48.35 -2.41 14.24
C MET A 232 -47.17 -3.28 14.65
N ILE A 233 -46.11 -2.64 15.10
CA ILE A 233 -44.87 -3.27 15.56
C ILE A 233 -44.67 -2.94 17.03
N GLY A 234 -44.96 -3.90 17.92
CA GLY A 234 -44.92 -3.61 19.33
C GLY A 234 -44.57 -4.81 20.21
N PRO A 235 -43.29 -5.13 20.27
CA PRO A 235 -42.78 -6.18 21.16
C PRO A 235 -42.84 -5.75 22.63
N GLY A 236 -42.96 -6.76 23.50
CA GLY A 236 -43.08 -6.58 24.94
C GLY A 236 -44.27 -5.70 25.26
N THR A 237 -44.08 -4.81 26.23
CA THR A 237 -45.19 -3.96 26.66
C THR A 237 -45.52 -2.91 25.62
N GLY A 238 -44.76 -2.83 24.54
CA GLY A 238 -45.10 -1.99 23.41
C GLY A 238 -46.39 -2.37 22.72
N ILE A 239 -46.92 -3.54 23.05
CA ILE A 239 -48.17 -4.02 22.49
C ILE A 239 -49.37 -3.19 22.92
N ALA A 240 -49.24 -2.45 24.01
CA ALA A 240 -50.39 -1.87 24.68
C ALA A 240 -51.26 -0.99 23.81
N PRO A 241 -50.74 0.01 23.12
CA PRO A 241 -51.64 0.84 22.30
C PRO A 241 -52.28 0.09 21.13
N PHE A 242 -51.71 -1.07 20.80
CA PHE A 242 -52.21 -1.86 19.66
C PHE A 242 -53.42 -2.65 20.10
N ARG A 243 -53.48 -2.97 21.38
CA ARG A 243 -54.73 -3.45 21.97
C ARG A 243 -55.76 -2.32 21.92
N ALA A 244 -55.39 -1.08 22.23
CA ALA A 244 -56.30 0.05 22.05
C ALA A 244 -56.69 0.24 20.57
N PHE A 245 -55.76 0.08 19.64
CA PHE A 245 -56.09 0.26 18.23
C PHE A 245 -57.12 -0.75 17.73
N MET A 246 -56.96 -2.03 18.10
CA MET A 246 -57.85 -3.09 17.65
C MET A 246 -59.21 -3.00 18.33
N GLN A 247 -59.24 -2.60 19.61
CA GLN A 247 -60.55 -2.40 20.23
C GLN A 247 -61.32 -1.31 19.50
N GLN A 248 -60.56 -0.31 19.04
CA GLN A 248 -61.19 0.81 18.36
C GLN A 248 -61.72 0.38 17.00
N ARG A 249 -60.87 -0.28 16.23
CA ARG A 249 -61.24 -0.66 14.87
C ARG A 249 -62.26 -1.77 14.90
N ALA A 250 -62.17 -2.67 15.86
CA ALA A 250 -63.23 -3.67 15.98
C ALA A 250 -64.55 -2.97 16.28
N ALA A 251 -64.56 -2.00 17.20
CA ALA A 251 -65.74 -1.26 17.62
C ALA A 251 -66.38 -0.42 16.52
N ASP A 252 -65.59 0.24 15.71
CA ASP A 252 -66.04 1.10 14.63
C ASP A 252 -66.41 0.27 13.40
N GLU A 253 -66.07 -0.99 13.50
CA GLU A 253 -66.10 -2.03 12.51
C GLU A 253 -65.46 -1.56 11.20
N ALA A 254 -64.22 -1.10 11.38
CA ALA A 254 -63.35 -0.69 10.28
C ALA A 254 -63.00 -1.91 9.43
N PRO A 255 -63.17 -1.80 8.12
CA PRO A 255 -62.90 -2.92 7.22
C PRO A 255 -61.42 -3.02 6.87
N GLY A 256 -60.67 -1.97 7.21
CA GLY A 256 -59.25 -1.89 6.93
C GLY A 256 -58.46 -3.07 7.47
N LYS A 257 -57.47 -3.51 6.70
CA LYS A 257 -56.60 -4.60 7.13
C LYS A 257 -55.68 -4.15 8.26
N ASN A 258 -55.42 -5.10 9.14
CA ASN A 258 -54.56 -4.92 10.30
C ASN A 258 -53.49 -6.02 10.36
N TRP A 259 -52.27 -5.60 10.59
CA TRP A 259 -51.09 -6.45 10.69
C TRP A 259 -50.34 -6.13 11.98
N LEU A 260 -50.17 -7.17 12.80
CA LEU A 260 -49.43 -7.03 14.04
C LEU A 260 -48.16 -7.90 14.04
N PHE A 261 -47.09 -7.27 14.46
CA PHE A 261 -45.76 -7.78 14.70
C PHE A 261 -45.43 -7.70 16.19
N PHE A 262 -45.28 -8.89 16.79
CA PHE A 262 -45.02 -8.96 18.22
C PHE A 262 -43.84 -9.90 18.46
N GLY A 263 -43.04 -9.59 19.47
CA GLY A 263 -41.89 -10.37 19.87
C GLY A 263 -41.70 -10.36 21.37
N ASN A 264 -41.00 -11.35 21.91
CA ASN A 264 -40.80 -11.52 23.35
C ASN A 264 -39.99 -12.82 23.48
N PRO A 265 -39.43 -13.19 24.62
CA PRO A 265 -38.58 -14.38 24.74
C PRO A 265 -39.23 -15.72 24.39
N HIS A 266 -40.38 -16.03 24.98
CA HIS A 266 -41.11 -17.28 24.97
C HIS A 266 -42.58 -17.21 24.60
N PHE A 267 -42.96 -17.97 23.57
CA PHE A 267 -44.34 -18.05 23.13
C PHE A 267 -45.23 -18.39 24.34
N THR A 268 -44.71 -19.39 25.02
CA THR A 268 -45.44 -20.12 26.03
C THR A 268 -45.70 -19.28 27.25
N GLU A 269 -44.77 -18.39 27.58
CA GLU A 269 -44.88 -17.58 28.79
C GLU A 269 -45.17 -16.12 28.53
N ASP A 270 -44.86 -15.57 27.36
CA ASP A 270 -44.86 -14.12 27.22
C ASP A 270 -45.66 -13.61 26.03
N PHE A 271 -46.71 -14.34 25.64
CA PHE A 271 -47.59 -13.90 24.56
C PHE A 271 -48.74 -13.11 25.17
N LEU A 272 -48.44 -11.85 25.42
CA LEU A 272 -49.38 -10.93 26.06
C LEU A 272 -50.67 -10.80 25.26
N TYR A 273 -51.83 -10.99 25.86
CA TYR A 273 -53.20 -10.90 25.36
C TYR A 273 -53.49 -11.88 24.23
N GLN A 274 -52.77 -13.01 24.27
CA GLN A 274 -52.84 -13.92 23.12
C GLN A 274 -54.25 -14.41 22.83
N VAL A 275 -55.11 -14.71 23.79
CA VAL A 275 -56.46 -15.08 23.41
C VAL A 275 -57.19 -13.96 22.67
N GLU A 276 -56.87 -12.71 23.02
CA GLU A 276 -57.55 -11.59 22.37
C GLU A 276 -57.20 -11.50 20.89
N TRP A 277 -55.93 -11.65 20.58
CA TRP A 277 -55.41 -11.65 19.22
C TRP A 277 -55.92 -12.82 18.40
N GLN A 278 -55.88 -14.02 18.98
CA GLN A 278 -56.41 -15.18 18.25
C GLN A 278 -57.88 -14.93 17.94
N ARG A 279 -58.64 -14.31 18.84
CA ARG A 279 -60.03 -14.02 18.52
C ARG A 279 -60.08 -12.98 17.41
N TYR A 280 -59.22 -11.97 17.47
CA TYR A 280 -59.23 -10.95 16.41
C TYR A 280 -58.94 -11.57 15.06
N VAL A 281 -57.97 -12.46 15.00
CA VAL A 281 -57.62 -13.15 13.77
C VAL A 281 -58.80 -13.99 13.29
N LYS A 282 -59.45 -14.71 14.20
CA LYS A 282 -60.61 -15.51 13.85
C LYS A 282 -61.79 -14.63 13.40
N GLU A 283 -62.06 -13.50 14.03
CA GLU A 283 -63.16 -12.64 13.60
C GLU A 283 -62.77 -11.84 12.36
N GLY A 284 -61.55 -12.06 11.89
CA GLY A 284 -61.01 -11.46 10.68
C GLY A 284 -60.70 -9.98 10.79
N VAL A 285 -60.60 -9.43 12.00
CA VAL A 285 -60.24 -8.00 12.06
C VAL A 285 -58.73 -7.88 12.01
N LEU A 286 -58.05 -8.85 12.62
CA LEU A 286 -56.60 -8.96 12.52
C LEU A 286 -56.24 -9.83 11.32
N THR A 287 -55.68 -9.21 10.29
CA THR A 287 -55.44 -9.85 9.01
C THR A 287 -54.22 -10.75 9.05
N ARG A 288 -53.15 -10.25 9.65
CA ARG A 288 -51.89 -10.94 9.77
C ARG A 288 -51.26 -10.72 11.14
N ILE A 289 -50.45 -11.65 11.59
CA ILE A 289 -49.56 -11.43 12.73
C ILE A 289 -48.27 -12.22 12.52
N ASP A 290 -47.17 -11.61 12.90
CA ASP A 290 -45.88 -12.29 12.87
C ASP A 290 -45.34 -12.21 14.29
N LEU A 291 -44.84 -13.34 14.74
CA LEU A 291 -44.39 -13.50 16.12
C LEU A 291 -42.88 -13.64 16.16
N ALA A 292 -42.21 -12.99 17.09
CA ALA A 292 -40.77 -13.23 17.17
C ALA A 292 -40.41 -13.73 18.57
N TRP A 293 -40.07 -15.00 18.74
CA TRP A 293 -39.77 -15.52 20.07
C TRP A 293 -38.26 -15.73 20.27
N SER A 294 -37.67 -14.69 20.80
CA SER A 294 -36.30 -14.50 21.24
C SER A 294 -35.65 -15.78 21.71
N ARG A 295 -36.28 -16.44 22.68
CA ARG A 295 -35.55 -17.53 23.32
C ARG A 295 -36.19 -18.87 23.05
N ASP A 296 -37.00 -18.97 22.01
CA ASP A 296 -37.69 -20.22 21.67
C ASP A 296 -36.81 -21.18 20.90
N GLN A 297 -35.60 -20.75 20.54
CA GLN A 297 -34.69 -21.60 19.77
C GLN A 297 -33.26 -21.09 20.01
N LYS A 298 -32.30 -21.73 19.35
CA LYS A 298 -30.89 -21.46 19.48
C LYS A 298 -30.53 -20.04 19.03
N GLU A 299 -31.10 -19.64 17.90
CA GLU A 299 -30.85 -18.30 17.40
C GLU A 299 -31.91 -17.33 17.93
N LYS A 300 -31.47 -16.11 18.24
CA LYS A 300 -32.33 -15.04 18.71
C LYS A 300 -33.16 -14.46 17.56
N VAL A 301 -34.48 -14.48 17.73
CA VAL A 301 -35.28 -13.88 16.67
C VAL A 301 -35.96 -12.64 17.23
N TYR A 302 -36.05 -11.59 16.43
CA TYR A 302 -36.70 -10.35 16.83
C TYR A 302 -37.69 -9.87 15.78
N VAL A 303 -38.52 -8.89 16.12
CA VAL A 303 -39.51 -8.38 15.17
C VAL A 303 -38.84 -7.91 13.89
N GLN A 304 -37.69 -7.27 14.01
CA GLN A 304 -37.01 -6.72 12.83
C GLN A 304 -36.64 -7.85 11.88
N ASP A 305 -36.40 -9.06 12.37
CA ASP A 305 -36.10 -10.23 11.54
C ASP A 305 -37.34 -10.69 10.79
N LYS A 306 -38.50 -10.54 11.44
CA LYS A 306 -39.75 -10.87 10.75
C LYS A 306 -40.08 -9.80 9.71
N LEU A 307 -39.71 -8.55 9.99
CA LEU A 307 -40.06 -7.47 9.06
C LEU A 307 -39.32 -7.66 7.73
N ARG A 308 -38.05 -8.06 7.83
CA ARG A 308 -37.27 -8.37 6.64
C ARG A 308 -37.83 -9.59 5.92
N GLU A 309 -38.01 -10.68 6.66
CA GLU A 309 -38.57 -11.86 6.02
C GLU A 309 -39.93 -11.56 5.43
N GLN A 310 -40.68 -10.58 5.93
CA GLN A 310 -42.02 -10.30 5.43
C GLN A 310 -42.04 -9.15 4.42
N GLY A 311 -40.86 -8.71 4.02
CA GLY A 311 -40.56 -7.61 3.15
C GLY A 311 -41.48 -7.33 1.98
N ALA A 312 -41.69 -8.29 1.08
CA ALA A 312 -42.46 -8.03 -0.12
C ALA A 312 -43.94 -7.78 0.18
N GLU A 313 -44.50 -8.46 1.18
CA GLU A 313 -45.88 -8.21 1.56
C GLU A 313 -46.04 -6.88 2.30
N LEU A 314 -45.07 -6.48 3.11
CA LEU A 314 -45.02 -5.20 3.79
C LEU A 314 -45.04 -4.06 2.78
N TRP A 315 -44.21 -4.22 1.75
CA TRP A 315 -44.11 -3.23 0.69
C TRP A 315 -45.43 -3.06 -0.06
N ARG A 316 -46.11 -4.16 -0.32
CA ARG A 316 -47.42 -4.22 -0.96
C ARG A 316 -48.42 -3.40 -0.14
N TRP A 317 -48.36 -3.55 1.19
CA TRP A 317 -49.22 -2.81 2.11
C TRP A 317 -48.85 -1.32 2.15
N ILE A 318 -47.57 -0.96 2.22
CA ILE A 318 -47.19 0.43 2.10
C ILE A 318 -47.76 1.14 0.88
N ASN A 319 -47.69 0.49 -0.29
CA ASN A 319 -48.13 1.18 -1.50
C ASN A 319 -49.65 1.30 -1.53
N ASP A 320 -50.31 0.48 -0.71
CA ASP A 320 -51.77 0.53 -0.55
C ASP A 320 -52.12 1.58 0.51
N GLY A 321 -51.10 2.33 0.92
CA GLY A 321 -51.21 3.44 1.84
C GLY A 321 -51.17 3.09 3.30
N ALA A 322 -50.52 1.98 3.66
CA ALA A 322 -50.55 1.62 5.07
C ALA A 322 -49.87 2.66 5.95
N HIS A 323 -50.39 2.76 7.16
CA HIS A 323 -49.79 3.48 8.27
C HIS A 323 -48.95 2.50 9.09
N ILE A 324 -47.76 2.92 9.47
CA ILE A 324 -46.91 2.01 10.25
C ILE A 324 -46.67 2.59 11.65
N TYR A 325 -46.85 1.79 12.68
CA TYR A 325 -46.66 2.19 14.07
C TYR A 325 -45.63 1.31 14.78
N VAL A 326 -44.76 2.01 15.52
CA VAL A 326 -43.77 1.35 16.35
C VAL A 326 -43.93 1.77 17.81
N CYS A 327 -44.07 0.81 18.72
CA CYS A 327 -44.11 1.11 20.15
C CYS A 327 -43.27 0.14 20.97
N GLY A 328 -42.61 0.63 22.02
CA GLY A 328 -41.82 -0.26 22.87
C GLY A 328 -40.45 0.29 23.23
N ASP A 329 -39.48 -0.58 23.47
CA ASP A 329 -38.16 -0.09 23.85
C ASP A 329 -37.51 0.72 22.74
N ALA A 330 -37.05 1.92 23.09
CA ALA A 330 -36.41 2.78 22.11
C ALA A 330 -34.91 2.48 22.01
N ASN A 331 -34.33 2.12 23.15
CA ASN A 331 -32.88 2.02 23.26
C ASN A 331 -32.29 1.12 22.20
N ARG A 332 -32.94 0.01 21.86
N ARG A 332 -32.94 0.02 21.82
CA ARG A 332 -32.37 -0.89 20.87
CA ARG A 332 -32.35 -0.74 20.71
C ARG A 332 -33.39 -1.30 19.82
C ARG A 332 -33.44 -1.22 19.75
N MET A 333 -34.61 -1.61 20.26
CA MET A 333 -35.66 -2.09 19.36
C MET A 333 -35.99 -1.09 18.27
N ALA A 334 -36.30 0.15 18.64
CA ALA A 334 -36.75 1.12 17.64
C ALA A 334 -35.74 1.34 16.53
N LYS A 335 -34.46 1.33 16.89
CA LYS A 335 -33.44 1.59 15.88
C LYS A 335 -33.29 0.41 14.92
N ASP A 336 -33.33 -0.80 15.45
CA ASP A 336 -33.13 -1.96 14.57
C ASP A 336 -34.38 -2.16 13.72
N VAL A 337 -35.54 -1.80 14.26
CA VAL A 337 -36.77 -1.94 13.46
C VAL A 337 -36.76 -0.87 12.38
N GLU A 338 -36.21 0.30 12.69
CA GLU A 338 -36.15 1.31 11.63
C GLU A 338 -35.25 0.86 10.49
N GLN A 339 -34.06 0.30 10.75
CA GLN A 339 -33.16 -0.15 9.70
C GLN A 339 -33.74 -1.32 8.92
N ALA A 340 -34.49 -2.21 9.56
CA ALA A 340 -35.18 -3.27 8.83
C ALA A 340 -36.19 -2.65 7.87
N LEU A 341 -36.87 -1.58 8.30
CA LEU A 341 -37.82 -0.84 7.49
C LEU A 341 -37.14 -0.10 6.34
N LEU A 342 -35.90 0.38 6.51
CA LEU A 342 -35.20 1.04 5.40
C LEU A 342 -34.70 -0.01 4.40
N GLU A 343 -34.31 -1.16 4.91
CA GLU A 343 -33.83 -2.28 4.12
C GLU A 343 -34.91 -2.81 3.17
N VAL A 344 -36.12 -2.92 3.70
CA VAL A 344 -37.32 -3.39 3.02
C VAL A 344 -37.80 -2.41 1.97
N ILE A 345 -37.67 -1.12 2.27
CA ILE A 345 -38.10 -0.10 1.33
C ILE A 345 -37.14 -0.05 0.15
N ALA A 346 -35.87 -0.31 0.44
CA ALA A 346 -34.86 -0.33 -0.64
C ALA A 346 -35.03 -1.61 -1.46
N GLU A 347 -34.92 -2.74 -0.80
CA GLU A 347 -35.11 -4.08 -1.31
C GLU A 347 -36.26 -4.21 -2.30
N PHE A 348 -37.46 -3.91 -1.83
CA PHE A 348 -38.70 -3.85 -2.59
C PHE A 348 -39.13 -2.41 -2.79
N GLY A 349 -39.37 -1.97 -4.02
CA GLY A 349 -39.91 -0.63 -4.16
C GLY A 349 -39.02 0.34 -4.89
N GLY A 350 -37.85 -0.11 -5.33
CA GLY A 350 -36.92 0.72 -6.09
C GLY A 350 -35.86 1.39 -5.23
N MET A 351 -34.99 0.58 -4.68
CA MET A 351 -33.84 0.74 -3.82
C MET A 351 -33.20 2.11 -3.95
N ASP A 352 -31.89 2.11 -3.82
CA ASP A 352 -31.07 3.29 -3.60
C ASP A 352 -31.23 3.66 -2.12
N THR A 353 -30.16 3.45 -1.38
CA THR A 353 -30.12 3.76 0.05
C THR A 353 -30.66 5.15 0.35
N GLU A 354 -30.11 6.17 -0.30
CA GLU A 354 -30.52 7.56 -0.12
C GLU A 354 -32.00 7.78 -0.37
N ALA A 355 -32.53 7.23 -1.46
CA ALA A 355 -33.95 7.39 -1.75
C ALA A 355 -34.82 6.64 -0.76
N ALA A 356 -34.32 5.58 -0.11
CA ALA A 356 -35.17 4.90 0.87
C ALA A 356 -35.26 5.79 2.12
N ASP A 357 -34.15 6.44 2.42
CA ASP A 357 -34.08 7.40 3.50
C ASP A 357 -35.17 8.46 3.31
N GLU A 358 -35.16 9.07 2.14
CA GLU A 358 -36.12 10.08 1.73
C GLU A 358 -37.56 9.59 1.82
N PHE A 359 -37.80 8.35 1.41
CA PHE A 359 -39.14 7.76 1.45
C PHE A 359 -39.63 7.60 2.88
N LEU A 360 -38.80 7.03 3.76
CA LEU A 360 -39.24 6.84 5.14
C LEU A 360 -39.61 8.18 5.75
N SER A 361 -38.88 9.21 5.33
CA SER A 361 -39.12 10.56 5.80
C SER A 361 -40.40 11.18 5.26
N GLU A 362 -40.74 11.02 3.99
CA GLU A 362 -42.03 11.51 3.53
C GLU A 362 -43.21 10.85 4.27
N LEU A 363 -43.05 9.60 4.67
CA LEU A 363 -44.00 8.77 5.39
C LEU A 363 -44.31 9.38 6.76
N ARG A 364 -43.24 9.80 7.43
CA ARG A 364 -43.40 10.43 8.73
C ARG A 364 -44.19 11.73 8.63
N VAL A 365 -43.87 12.59 7.67
CA VAL A 365 -44.60 13.83 7.48
C VAL A 365 -46.04 13.58 7.05
N GLU A 366 -46.27 12.49 6.34
CA GLU A 366 -47.62 12.10 5.95
C GLU A 366 -48.40 11.43 7.09
N ARG A 367 -47.76 11.23 8.23
CA ARG A 367 -48.35 10.54 9.37
C ARG A 367 -48.46 9.03 9.12
N ARG A 368 -47.59 8.48 8.29
CA ARG A 368 -47.77 7.06 7.95
C ARG A 368 -46.68 6.24 8.61
N TYR A 369 -45.77 6.93 9.28
CA TYR A 369 -44.76 6.30 10.11
C TYR A 369 -44.72 6.99 11.48
N GLN A 370 -45.32 6.33 12.48
CA GLN A 370 -45.45 6.87 13.83
C GLN A 370 -44.85 5.94 14.88
N ARG A 371 -44.21 6.53 15.89
CA ARG A 371 -43.59 5.76 16.96
C ARG A 371 -43.89 6.34 18.34
N ASP A 372 -43.96 5.43 19.30
CA ASP A 372 -44.09 5.76 20.72
C ASP A 372 -43.11 4.84 21.44
N VAL A 373 -41.87 5.29 21.55
CA VAL A 373 -40.85 4.45 22.19
C VAL A 373 -40.26 5.12 23.43
N TYR A 374 -39.83 4.31 24.37
CA TYR A 374 -39.38 4.72 25.69
C TYR A 374 -38.35 3.74 26.24
N ILE B 1 75.07 3.43 -31.22
CA ILE B 1 73.88 2.91 -31.89
C ILE B 1 73.93 3.21 -33.39
N HIS B 2 72.81 2.99 -34.10
CA HIS B 2 72.78 3.22 -35.54
C HIS B 2 71.36 3.28 -36.08
N THR B 3 70.97 4.48 -36.51
CA THR B 3 69.73 4.84 -37.18
C THR B 3 68.60 3.82 -37.00
N SER B 4 67.53 4.00 -37.75
CA SER B 4 66.44 3.04 -37.91
C SER B 4 65.73 3.32 -39.23
N PRO B 5 66.12 2.58 -40.26
CA PRO B 5 65.56 2.78 -41.60
C PRO B 5 64.18 2.17 -41.77
N TYR B 6 63.46 1.90 -40.69
CA TYR B 6 62.11 1.35 -40.76
C TYR B 6 61.11 2.37 -40.24
N SER B 7 60.02 2.54 -41.00
CA SER B 7 58.98 3.48 -40.60
C SER B 7 57.69 3.07 -41.27
N LYS B 8 56.66 3.89 -41.11
CA LYS B 8 55.34 3.57 -41.60
C LYS B 8 55.31 3.15 -43.07
N ASP B 9 55.94 3.96 -43.92
CA ASP B 9 55.89 3.73 -45.36
C ASP B 9 57.08 2.92 -45.82
N ALA B 10 57.97 2.61 -44.88
CA ALA B 10 59.06 1.70 -45.20
C ALA B 10 59.19 0.70 -44.05
N PRO B 11 58.20 -0.16 -43.87
CA PRO B 11 58.16 -1.02 -42.67
C PRO B 11 59.18 -2.15 -42.71
N LEU B 12 59.50 -2.69 -41.53
CA LEU B 12 60.33 -3.87 -41.46
C LEU B 12 59.51 -5.12 -41.80
N VAL B 13 59.94 -5.99 -42.71
CA VAL B 13 59.28 -7.28 -42.89
C VAL B 13 59.83 -8.27 -41.85
N ALA B 14 58.97 -8.61 -40.88
CA ALA B 14 59.33 -9.47 -39.78
C ALA B 14 58.55 -10.79 -39.87
N SER B 15 58.72 -11.59 -38.83
CA SER B 15 58.21 -12.95 -38.74
C SER B 15 57.38 -13.17 -37.48
N LEU B 16 56.17 -13.71 -37.68
CA LEU B 16 55.26 -14.03 -36.60
C LEU B 16 55.63 -15.34 -35.92
N SER B 17 56.24 -15.27 -34.74
CA SER B 17 56.68 -16.45 -34.01
C SER B 17 55.57 -17.08 -33.19
N VAL B 18 54.77 -16.28 -32.51
CA VAL B 18 53.76 -16.86 -31.63
C VAL B 18 52.43 -16.20 -31.90
N ASN B 19 51.39 -17.02 -32.02
CA ASN B 19 50.02 -16.52 -32.18
C ASN B 19 49.10 -17.33 -31.27
N GLN B 20 48.99 -16.94 -30.01
CA GLN B 20 48.31 -17.73 -28.99
C GLN B 20 47.03 -17.07 -28.48
N LYS B 21 45.95 -17.83 -28.50
CA LYS B 21 44.70 -17.32 -27.94
C LYS B 21 44.82 -17.40 -26.42
N ILE B 22 44.58 -16.28 -25.75
CA ILE B 22 44.75 -16.25 -24.30
C ILE B 22 43.41 -15.99 -23.62
N THR B 23 42.33 -16.03 -24.39
CA THR B 23 41.03 -16.04 -23.74
C THR B 23 40.61 -17.50 -23.55
N GLY B 24 39.79 -17.81 -22.55
CA GLY B 24 39.34 -19.19 -22.43
C GLY B 24 38.33 -19.56 -23.52
N ARG B 25 38.22 -20.84 -23.71
CA ARG B 25 37.22 -21.72 -24.24
C ARG B 25 35.84 -21.09 -24.34
N ASN B 26 35.34 -20.50 -23.25
CA ASN B 26 33.98 -20.02 -23.23
C ASN B 26 33.93 -18.51 -23.16
N SER B 27 35.01 -17.89 -23.61
CA SER B 27 35.07 -16.44 -23.66
C SER B 27 34.24 -15.94 -24.83
N GLU B 28 33.57 -14.80 -24.70
CA GLU B 28 32.86 -14.39 -25.92
C GLU B 28 33.76 -13.49 -26.74
N LYS B 29 34.94 -13.17 -26.18
CA LYS B 29 35.93 -12.42 -26.96
C LYS B 29 37.09 -13.35 -27.28
N ASP B 30 37.75 -13.11 -28.39
CA ASP B 30 38.96 -13.82 -28.79
C ASP B 30 40.13 -12.85 -28.73
N VAL B 31 41.04 -13.10 -27.81
CA VAL B 31 42.23 -12.27 -27.73
C VAL B 31 43.49 -13.11 -27.95
N ARG B 32 44.39 -12.61 -28.77
CA ARG B 32 45.62 -13.31 -29.06
C ARG B 32 46.87 -12.60 -28.53
N HIS B 33 47.74 -13.37 -27.90
CA HIS B 33 49.10 -12.95 -27.56
C HIS B 33 49.98 -13.24 -28.79
N ILE B 34 50.65 -12.21 -29.27
CA ILE B 34 51.41 -12.27 -30.52
C ILE B 34 52.87 -11.94 -30.25
N GLU B 35 53.81 -12.78 -30.68
CA GLU B 35 55.23 -12.45 -30.61
C GLU B 35 55.81 -12.33 -32.02
N ILE B 36 56.50 -11.24 -32.29
CA ILE B 36 57.05 -11.05 -33.64
C ILE B 36 58.56 -11.01 -33.52
N ASP B 37 59.31 -11.74 -34.32
CA ASP B 37 60.78 -11.70 -34.27
C ASP B 37 61.32 -10.51 -35.07
N LEU B 38 62.22 -9.72 -34.49
CA LEU B 38 62.83 -8.59 -35.16
C LEU B 38 64.19 -8.90 -35.78
N GLY B 39 64.58 -10.16 -35.62
CA GLY B 39 65.86 -10.72 -36.00
C GLY B 39 67.02 -9.82 -35.64
N ASP B 40 67.84 -9.50 -36.64
CA ASP B 40 68.96 -8.60 -36.42
C ASP B 40 68.74 -7.24 -37.07
N SER B 41 67.46 -6.86 -37.20
CA SER B 41 67.09 -5.55 -37.74
C SER B 41 67.68 -4.43 -36.89
N GLY B 42 67.79 -4.64 -35.57
CA GLY B 42 68.26 -3.60 -34.67
C GLY B 42 67.12 -2.66 -34.25
N LEU B 43 65.89 -2.99 -34.61
CA LEU B 43 64.69 -2.23 -34.25
C LEU B 43 64.53 -2.12 -32.74
N ARG B 44 64.39 -0.91 -32.20
CA ARG B 44 64.21 -0.63 -30.79
C ARG B 44 62.86 0.02 -30.48
N TYR B 45 62.38 -0.17 -29.27
CA TYR B 45 61.18 0.49 -28.76
C TYR B 45 61.28 0.60 -27.24
N GLN B 46 60.40 1.39 -26.65
CA GLN B 46 60.29 1.47 -25.20
C GLN B 46 58.87 1.11 -24.76
N PRO B 47 58.77 0.60 -23.53
CA PRO B 47 57.46 0.37 -22.92
C PRO B 47 56.63 1.65 -22.95
N GLY B 48 55.43 1.53 -23.51
CA GLY B 48 54.62 2.69 -23.82
C GLY B 48 54.55 2.97 -25.31
N ASP B 49 55.49 2.44 -26.09
CA ASP B 49 55.41 2.62 -27.55
C ASP B 49 54.30 1.77 -28.15
N ALA B 50 53.94 2.00 -29.42
CA ALA B 50 52.95 1.15 -30.07
C ALA B 50 53.61 0.48 -31.28
N LEU B 51 53.09 -0.69 -31.66
CA LEU B 51 53.51 -1.37 -32.87
C LEU B 51 52.53 -1.05 -34.00
N GLY B 52 53.00 -0.41 -35.07
CA GLY B 52 52.17 -0.28 -36.27
C GLY B 52 52.23 -1.56 -37.10
N VAL B 53 51.11 -2.07 -37.56
CA VAL B 53 51.13 -3.32 -38.32
C VAL B 53 50.31 -3.18 -39.59
N TRP B 54 50.97 -3.42 -40.72
CA TRP B 54 50.24 -3.46 -41.99
C TRP B 54 49.48 -4.76 -42.14
N TYR B 55 48.37 -4.78 -42.87
CA TYR B 55 47.62 -6.01 -43.07
C TYR B 55 47.11 -6.10 -44.51
N GLN B 56 46.60 -7.27 -44.89
CA GLN B 56 45.90 -7.49 -46.13
C GLN B 56 44.45 -7.88 -45.81
N ASN B 57 43.56 -7.50 -46.72
CA ASN B 57 42.16 -7.89 -46.53
C ASN B 57 41.95 -9.38 -46.75
N ASP B 58 40.97 -9.96 -46.07
CA ASP B 58 40.64 -11.36 -46.37
C ASP B 58 40.29 -11.52 -47.85
N PRO B 59 40.95 -12.42 -48.59
CA PRO B 59 40.68 -12.56 -50.02
C PRO B 59 39.26 -13.06 -50.31
N ALA B 60 38.65 -13.78 -49.37
CA ALA B 60 37.28 -14.23 -49.49
C ALA B 60 36.30 -13.07 -49.43
N LEU B 61 36.59 -12.09 -48.59
CA LEU B 61 35.89 -10.82 -48.50
C LEU B 61 35.98 -10.08 -49.83
N VAL B 62 37.20 -10.05 -50.36
CA VAL B 62 37.47 -9.40 -51.64
C VAL B 62 36.65 -10.03 -52.78
N LYS B 63 36.68 -11.35 -52.92
CA LYS B 63 35.97 -12.07 -53.93
C LYS B 63 34.46 -11.88 -53.80
N GLU B 64 33.97 -11.87 -52.57
CA GLU B 64 32.54 -11.68 -52.32
C GLU B 64 32.08 -10.29 -52.75
N LEU B 65 32.89 -9.27 -52.42
CA LEU B 65 32.61 -7.90 -52.79
C LEU B 65 32.44 -7.79 -54.31
N VAL B 66 33.46 -8.27 -55.02
CA VAL B 66 33.52 -8.08 -56.47
C VAL B 66 32.40 -8.85 -57.17
N GLU B 67 32.03 -10.02 -56.67
CA GLU B 67 30.94 -10.80 -57.24
C GLU B 67 29.60 -10.09 -57.07
N LEU B 68 29.38 -9.51 -55.90
CA LEU B 68 28.19 -8.75 -55.61
C LEU B 68 28.00 -7.57 -56.59
N LEU B 69 29.10 -6.96 -56.97
CA LEU B 69 29.18 -5.78 -57.81
C LEU B 69 29.22 -6.15 -59.29
N TRP B 70 29.16 -7.45 -59.54
CA TRP B 70 29.15 -7.97 -60.91
C TRP B 70 30.49 -7.74 -61.58
N LEU B 71 31.57 -7.74 -60.78
CA LEU B 71 32.93 -7.59 -61.30
C LEU B 71 33.63 -8.93 -61.35
N LYS B 72 34.71 -9.07 -62.11
CA LYS B 72 35.33 -10.41 -62.10
C LYS B 72 36.52 -10.45 -61.14
N GLY B 73 37.18 -9.32 -60.91
CA GLY B 73 38.35 -9.27 -60.06
C GLY B 73 39.64 -9.01 -60.82
N ASP B 74 39.65 -9.11 -62.15
CA ASP B 74 40.91 -8.89 -62.89
C ASP B 74 40.90 -7.56 -63.63
N GLU B 75 39.85 -6.76 -63.48
CA GLU B 75 39.85 -5.45 -64.13
C GLU B 75 41.04 -4.64 -63.68
N PRO B 76 41.85 -4.15 -64.61
CA PRO B 76 42.96 -3.27 -64.24
C PRO B 76 42.52 -1.96 -63.57
N VAL B 77 43.12 -1.63 -62.44
CA VAL B 77 42.89 -0.36 -61.76
C VAL B 77 44.25 0.26 -61.38
N THR B 78 44.26 1.59 -61.30
CA THR B 78 45.49 2.27 -60.94
C THR B 78 45.39 2.82 -59.52
N VAL B 79 46.34 2.42 -58.68
CA VAL B 79 46.34 2.86 -57.29
C VAL B 79 47.71 3.47 -56.97
N GLU B 80 47.68 4.73 -56.58
CA GLU B 80 48.84 5.55 -56.30
C GLU B 80 49.95 5.28 -57.32
N GLY B 81 49.62 5.43 -58.60
CA GLY B 81 50.60 5.31 -59.65
C GLY B 81 50.69 3.92 -60.21
N LYS B 82 50.35 2.89 -59.44
CA LYS B 82 50.54 1.53 -59.95
C LYS B 82 49.26 0.92 -60.50
N THR B 83 49.37 0.23 -61.64
CA THR B 83 48.18 -0.41 -62.22
C THR B 83 48.17 -1.88 -61.83
N LEU B 84 47.12 -2.32 -61.16
CA LEU B 84 46.94 -3.65 -60.64
C LEU B 84 45.58 -4.27 -60.96
N PRO B 85 45.50 -5.58 -61.03
CA PRO B 85 44.16 -6.18 -61.12
C PRO B 85 43.34 -5.78 -59.88
N LEU B 86 42.04 -5.53 -60.08
CA LEU B 86 41.10 -5.16 -59.05
C LEU B 86 41.28 -5.97 -57.76
N ASN B 87 41.36 -7.29 -57.86
CA ASN B 87 41.40 -8.14 -56.67
C ASN B 87 42.59 -7.81 -55.78
N GLU B 88 43.71 -7.51 -56.43
CA GLU B 88 44.93 -7.26 -55.68
C GLU B 88 44.93 -5.84 -55.13
N ALA B 89 44.32 -4.92 -55.89
CA ALA B 89 44.15 -3.55 -55.42
C ALA B 89 43.35 -3.55 -54.12
N LEU B 90 42.26 -4.30 -54.14
CA LEU B 90 41.34 -4.47 -53.03
C LEU B 90 41.99 -5.20 -51.86
N GLN B 91 42.84 -6.20 -52.08
CA GLN B 91 43.42 -6.94 -50.96
C GLN B 91 44.48 -6.15 -50.19
N TRP B 92 45.26 -5.35 -50.91
CA TRP B 92 46.40 -4.71 -50.29
C TRP B 92 46.25 -3.21 -50.06
N HIS B 93 45.39 -2.55 -50.84
CA HIS B 93 45.44 -1.09 -50.88
C HIS B 93 44.17 -0.37 -50.46
N PHE B 94 43.06 -1.02 -50.18
CA PHE B 94 41.87 -0.29 -49.71
C PHE B 94 41.34 -0.88 -48.40
N GLU B 95 40.76 0.01 -47.60
CA GLU B 95 40.01 -0.33 -46.39
C GLU B 95 38.64 -0.88 -46.76
N LEU B 96 38.37 -2.10 -46.33
CA LEU B 96 37.15 -2.79 -46.71
C LEU B 96 36.31 -3.11 -45.47
N THR B 97 36.87 -2.95 -44.28
CA THR B 97 36.23 -3.47 -43.06
C THR B 97 35.71 -2.38 -42.14
N VAL B 98 35.81 -1.15 -42.60
CA VAL B 98 35.33 0.03 -41.91
C VAL B 98 34.40 0.83 -42.81
N ASN B 99 33.10 0.81 -42.53
CA ASN B 99 32.17 1.62 -43.31
C ASN B 99 32.07 3.00 -42.67
N THR B 100 31.60 4.01 -43.38
CA THR B 100 31.45 5.34 -42.84
C THR B 100 30.18 5.98 -43.39
N ALA B 101 29.67 7.00 -42.73
CA ALA B 101 28.54 7.78 -43.25
C ALA B 101 28.75 8.21 -44.71
N ASN B 102 29.91 8.75 -45.00
N ASN B 102 29.90 8.76 -45.05
CA ASN B 102 30.26 9.24 -46.34
CA ASN B 102 30.15 9.25 -46.41
C ASN B 102 30.19 8.12 -47.36
C ASN B 102 30.17 8.10 -47.41
N ILE B 103 30.81 7.00 -47.02
CA ILE B 103 30.80 5.80 -47.86
C ILE B 103 29.36 5.40 -48.10
N VAL B 104 28.53 5.37 -47.04
CA VAL B 104 27.15 4.94 -47.24
C VAL B 104 26.39 5.90 -48.15
N GLU B 105 26.55 7.19 -47.91
CA GLU B 105 25.89 8.22 -48.69
C GLU B 105 26.33 8.12 -50.15
N ASN B 106 27.63 7.97 -50.39
CA ASN B 106 28.12 7.89 -51.76
C ASN B 106 27.72 6.62 -52.49
N TYR B 107 27.71 5.48 -51.82
CA TYR B 107 27.28 4.26 -52.50
C TYR B 107 25.82 4.40 -52.93
N ALA B 108 25.02 4.93 -52.00
CA ALA B 108 23.58 5.09 -52.21
C ALA B 108 23.27 6.02 -53.37
N THR B 109 23.95 7.15 -53.36
CA THR B 109 23.86 8.15 -54.41
C THR B 109 24.25 7.57 -55.77
N LEU B 110 25.39 6.88 -55.76
CA LEU B 110 26.02 6.27 -56.91
C LEU B 110 25.18 5.21 -57.60
N THR B 111 24.58 4.31 -56.82
CA THR B 111 23.82 3.23 -57.40
C THR B 111 22.32 3.54 -57.38
N ARG B 112 21.96 4.70 -56.85
CA ARG B 112 20.58 5.11 -56.72
C ARG B 112 19.74 4.05 -55.98
N SER B 113 20.27 3.61 -54.86
CA SER B 113 19.68 2.57 -54.01
C SER B 113 18.33 3.02 -53.46
N GLU B 114 17.26 2.38 -53.93
CA GLU B 114 15.93 2.69 -53.41
C GLU B 114 15.92 2.55 -51.89
N THR B 115 16.61 1.52 -51.38
CA THR B 115 16.56 1.27 -49.94
C THR B 115 17.54 2.12 -49.17
N LEU B 116 18.63 2.60 -49.76
CA LEU B 116 19.59 3.37 -48.97
C LEU B 116 19.39 4.88 -49.11
N LEU B 117 18.89 5.36 -50.25
CA LEU B 117 18.62 6.77 -50.52
C LEU B 117 17.88 7.50 -49.41
N PRO B 118 16.87 6.97 -48.75
CA PRO B 118 16.25 7.68 -47.62
C PRO B 118 17.17 8.22 -46.53
N LEU B 119 18.36 7.64 -46.41
CA LEU B 119 19.29 8.02 -45.36
C LEU B 119 20.11 9.24 -45.75
N VAL B 120 20.19 9.48 -47.06
CA VAL B 120 21.02 10.57 -47.57
C VAL B 120 20.55 11.91 -47.02
N GLY B 121 21.49 12.79 -46.66
CA GLY B 121 21.17 14.07 -46.06
C GLY B 121 20.97 14.00 -44.56
N ASP B 122 21.07 12.79 -44.00
CA ASP B 122 20.85 12.63 -42.57
C ASP B 122 22.03 11.96 -41.88
N LYS B 123 22.98 12.74 -41.41
CA LYS B 123 24.25 12.20 -40.94
C LYS B 123 24.12 11.16 -39.83
N ALA B 124 23.39 11.47 -38.77
CA ALA B 124 23.18 10.53 -37.67
C ALA B 124 22.60 9.21 -38.17
N LYS B 125 21.73 9.26 -39.16
CA LYS B 125 21.15 8.08 -39.80
C LYS B 125 22.21 7.33 -40.61
N LEU B 126 23.01 8.06 -41.39
CA LEU B 126 24.09 7.43 -42.13
C LEU B 126 25.10 6.83 -41.18
N GLN B 127 25.46 7.54 -40.12
CA GLN B 127 26.47 7.04 -39.18
C GLN B 127 26.08 5.76 -38.47
N HIS B 128 24.80 5.63 -38.15
CA HIS B 128 24.26 4.45 -37.51
C HIS B 128 24.27 3.26 -38.46
N TYR B 129 23.81 3.54 -39.69
CA TYR B 129 23.84 2.48 -40.69
C TYR B 129 25.26 1.96 -40.89
N ALA B 130 26.20 2.90 -40.99
CA ALA B 130 27.61 2.56 -41.18
C ALA B 130 28.18 1.85 -39.96
N ALA B 131 27.71 2.12 -38.75
CA ALA B 131 28.28 1.45 -37.58
C ALA B 131 27.72 0.05 -37.42
N THR B 132 26.68 -0.18 -38.20
CA THR B 132 25.81 -1.34 -38.08
C THR B 132 26.00 -2.34 -39.18
N THR B 133 26.48 -1.84 -40.32
CA THR B 133 26.50 -2.59 -41.56
C THR B 133 27.82 -2.46 -42.29
N PRO B 134 28.70 -3.45 -42.26
CA PRO B 134 29.94 -3.39 -43.06
C PRO B 134 29.65 -3.08 -44.52
N ILE B 135 30.67 -2.65 -45.26
CA ILE B 135 30.52 -2.33 -46.67
C ILE B 135 30.04 -3.49 -47.52
N VAL B 136 30.53 -4.71 -47.27
N VAL B 136 30.55 -4.70 -47.25
CA VAL B 136 30.12 -5.84 -48.11
CA VAL B 136 30.21 -5.90 -48.00
C VAL B 136 28.68 -6.25 -47.85
C VAL B 136 28.73 -6.23 -47.82
N ASP B 137 28.20 -6.04 -46.63
CA ASP B 137 26.79 -6.30 -46.30
C ASP B 137 25.91 -5.16 -46.80
N MET B 138 26.39 -3.92 -46.77
CA MET B 138 25.68 -2.86 -47.48
C MET B 138 25.43 -3.21 -48.93
N VAL B 139 26.44 -3.61 -49.71
CA VAL B 139 26.04 -3.90 -51.10
C VAL B 139 25.33 -5.25 -51.18
N ARG B 140 25.55 -6.15 -50.22
CA ARG B 140 24.79 -7.39 -50.19
C ARG B 140 23.30 -7.10 -50.03
N PHE B 141 22.96 -6.09 -49.22
CA PHE B 141 21.57 -5.76 -48.93
C PHE B 141 20.98 -4.86 -50.02
N SER B 142 21.86 -4.16 -50.71
CA SER B 142 21.50 -3.29 -51.82
C SER B 142 22.50 -3.39 -52.98
N PRO B 143 22.48 -4.52 -53.66
CA PRO B 143 23.49 -4.80 -54.69
C PRO B 143 23.27 -3.95 -55.93
N ALA B 144 24.35 -3.68 -56.65
CA ALA B 144 24.26 -2.90 -57.88
C ALA B 144 25.54 -3.15 -58.68
N GLN B 145 25.44 -3.01 -59.97
CA GLN B 145 26.51 -3.12 -60.95
C GLN B 145 27.46 -1.96 -60.80
N LEU B 146 28.74 -2.21 -60.55
CA LEU B 146 29.66 -1.07 -60.44
C LEU B 146 30.86 -1.31 -61.35
N ASP B 147 31.47 -0.24 -61.87
CA ASP B 147 32.75 -0.48 -62.55
C ASP B 147 33.88 -0.33 -61.52
N ALA B 148 35.00 -0.98 -61.79
CA ALA B 148 36.15 -1.12 -60.90
C ALA B 148 36.67 0.25 -60.48
N GLU B 149 36.68 1.23 -61.37
CA GLU B 149 37.07 2.59 -61.01
C GLU B 149 36.05 3.25 -60.08
N ALA B 150 34.75 3.07 -60.36
CA ALA B 150 33.70 3.55 -59.47
C ALA B 150 33.93 2.98 -58.06
N LEU B 151 34.17 1.67 -58.03
CA LEU B 151 34.42 1.01 -56.77
C LEU B 151 35.60 1.64 -56.04
N ILE B 152 36.76 1.72 -56.69
CA ILE B 152 37.98 2.15 -56.03
C ILE B 152 37.90 3.60 -55.56
N ASN B 153 37.21 4.41 -56.36
CA ASN B 153 37.02 5.82 -56.05
C ASN B 153 36.17 6.03 -54.79
N LEU B 154 35.33 5.05 -54.49
CA LEU B 154 34.43 5.02 -53.36
C LEU B 154 35.15 4.72 -52.04
N LEU B 155 36.17 3.88 -52.10
CA LEU B 155 36.90 3.26 -51.01
C LEU B 155 37.99 4.18 -50.45
N ARG B 156 38.31 3.98 -49.18
CA ARG B 156 39.41 4.66 -48.49
C ARG B 156 40.65 3.78 -48.46
N PRO B 157 41.82 4.42 -48.45
CA PRO B 157 43.04 3.62 -48.50
C PRO B 157 43.20 2.79 -47.23
N LEU B 158 43.79 1.62 -47.41
CA LEU B 158 44.19 0.72 -46.32
C LEU B 158 45.33 1.43 -45.58
N THR B 159 45.29 1.28 -44.28
CA THR B 159 46.09 2.06 -43.33
C THR B 159 46.52 1.17 -42.19
N PRO B 160 47.76 1.18 -41.70
CA PRO B 160 48.12 0.20 -40.66
C PRO B 160 47.39 0.46 -39.36
N ARG B 161 47.27 -0.57 -38.55
CA ARG B 161 46.75 -0.52 -37.20
C ARG B 161 47.89 -0.51 -36.16
N LEU B 162 47.65 0.16 -35.04
CA LEU B 162 48.57 0.27 -33.93
C LEU B 162 48.16 -0.66 -32.79
N TYR B 163 49.13 -1.37 -32.23
CA TYR B 163 48.91 -2.18 -31.05
C TYR B 163 49.87 -1.78 -29.97
N SER B 164 49.38 -1.52 -28.76
CA SER B 164 50.27 -1.22 -27.64
C SER B 164 51.26 -2.35 -27.41
N ILE B 165 52.54 -2.04 -27.28
CA ILE B 165 53.56 -3.09 -27.15
C ILE B 165 53.46 -3.72 -25.76
N ALA B 166 53.48 -5.05 -25.70
CA ALA B 166 53.18 -5.82 -24.51
C ALA B 166 54.42 -6.46 -23.90
N SER B 167 55.57 -5.95 -24.34
CA SER B 167 56.87 -6.43 -23.93
C SER B 167 57.86 -5.30 -23.73
N SER B 168 58.92 -5.62 -22.98
CA SER B 168 60.07 -4.74 -22.85
C SER B 168 61.28 -5.44 -23.44
N GLN B 169 62.08 -4.73 -24.22
CA GLN B 169 63.32 -5.29 -24.76
C GLN B 169 64.32 -5.55 -23.64
N ALA B 170 64.16 -4.96 -22.47
CA ALA B 170 65.06 -5.34 -21.37
C ALA B 170 64.86 -6.82 -21.02
N GLU B 171 63.72 -7.39 -21.34
CA GLU B 171 63.32 -8.77 -21.06
C GLU B 171 63.40 -9.64 -22.31
N VAL B 172 62.65 -9.27 -23.34
CA VAL B 172 62.61 -10.07 -24.58
C VAL B 172 63.70 -9.55 -25.46
N GLU B 173 64.29 -10.04 -26.54
CA GLU B 173 65.27 -8.92 -26.87
C GLU B 173 64.82 -8.30 -28.18
N ASN B 174 65.35 -8.88 -29.24
CA ASN B 174 64.99 -8.60 -30.61
C ASN B 174 63.62 -9.20 -30.94
N GLU B 175 62.62 -8.98 -30.10
CA GLU B 175 61.23 -9.38 -30.17
C GLU B 175 60.26 -8.24 -29.83
N VAL B 176 59.06 -8.20 -30.37
CA VAL B 176 57.96 -7.34 -30.03
C VAL B 176 56.69 -8.20 -29.76
N HIS B 177 56.10 -8.05 -28.60
CA HIS B 177 54.83 -8.69 -28.26
C HIS B 177 53.66 -7.71 -28.34
N VAL B 178 52.51 -8.19 -28.83
CA VAL B 178 51.28 -7.41 -28.79
C VAL B 178 50.11 -8.26 -28.28
N THR B 179 49.04 -7.58 -27.89
CA THR B 179 47.82 -8.18 -27.36
C THR B 179 46.63 -7.77 -28.22
N VAL B 180 46.23 -8.68 -29.10
CA VAL B 180 45.21 -8.32 -30.07
C VAL B 180 43.85 -8.94 -29.78
N GLY B 181 42.87 -8.07 -29.49
CA GLY B 181 41.47 -8.47 -29.47
C GLY B 181 41.00 -8.59 -30.91
N VAL B 182 40.62 -9.80 -31.31
N VAL B 182 40.65 -9.80 -31.34
CA VAL B 182 40.14 -10.07 -32.67
CA VAL B 182 40.22 -9.96 -32.72
C VAL B 182 38.71 -9.60 -32.83
C VAL B 182 38.74 -9.59 -32.85
N VAL B 183 38.49 -8.63 -33.73
CA VAL B 183 37.15 -8.11 -33.98
C VAL B 183 36.39 -9.13 -34.83
N ARG B 184 35.37 -9.70 -34.21
CA ARG B 184 34.58 -10.77 -34.79
C ARG B 184 33.09 -10.57 -34.54
N TYR B 185 32.27 -10.61 -35.59
CA TYR B 185 30.84 -10.44 -35.37
C TYR B 185 30.05 -10.95 -36.57
N ASP B 186 28.75 -11.08 -36.37
CA ASP B 186 27.80 -11.68 -37.29
C ASP B 186 26.90 -10.63 -37.93
N VAL B 187 26.76 -10.63 -39.26
CA VAL B 187 25.81 -9.68 -39.82
C VAL B 187 24.71 -10.43 -40.58
N GLU B 188 23.51 -10.41 -40.01
CA GLU B 188 22.36 -11.13 -40.56
C GLU B 188 22.74 -12.54 -40.97
N GLY B 189 23.41 -13.26 -40.08
CA GLY B 189 23.87 -14.61 -40.37
C GLY B 189 25.27 -14.73 -40.91
N ARG B 190 25.92 -13.63 -41.33
CA ARG B 190 27.23 -13.82 -41.94
C ARG B 190 28.33 -13.32 -41.04
N ALA B 191 29.36 -14.15 -40.91
CA ALA B 191 30.52 -13.83 -40.09
C ALA B 191 31.37 -12.71 -40.68
N ARG B 192 31.64 -11.67 -39.89
CA ARG B 192 32.50 -10.59 -40.35
C ARG B 192 33.65 -10.40 -39.36
N ALA B 193 34.71 -9.69 -39.71
CA ALA B 193 35.82 -9.46 -38.77
C ALA B 193 36.52 -8.14 -39.05
N GLY B 194 37.29 -7.60 -38.12
CA GLY B 194 38.05 -6.38 -38.41
C GLY B 194 39.20 -6.75 -39.33
N GLY B 195 39.74 -5.86 -40.15
CA GLY B 195 40.79 -6.22 -41.06
C GLY B 195 42.12 -6.62 -40.47
N ALA B 196 42.77 -5.83 -39.63
CA ALA B 196 44.09 -6.16 -39.09
C ALA B 196 44.06 -7.27 -38.05
N SER B 197 43.04 -7.23 -37.18
CA SER B 197 43.14 -8.20 -36.07
C SER B 197 42.86 -9.62 -36.56
N SER B 198 42.05 -9.76 -37.61
CA SER B 198 41.74 -11.08 -38.17
C SER B 198 42.81 -11.54 -39.16
N PHE B 199 43.53 -10.60 -39.75
CA PHE B 199 44.72 -10.89 -40.55
C PHE B 199 45.77 -11.55 -39.68
N LEU B 200 46.00 -10.96 -38.49
CA LEU B 200 46.96 -11.50 -37.52
C LEU B 200 46.47 -12.79 -36.88
N ALA B 201 45.20 -12.82 -36.49
CA ALA B 201 44.61 -14.02 -35.90
C ALA B 201 44.48 -15.18 -36.87
N ASP B 202 44.19 -14.92 -38.14
CA ASP B 202 43.75 -15.95 -39.05
C ASP B 202 44.60 -16.18 -40.30
N ARG B 203 45.26 -15.17 -40.85
CA ARG B 203 45.72 -15.29 -42.24
C ARG B 203 47.22 -15.34 -42.41
N VAL B 204 47.96 -15.35 -41.31
CA VAL B 204 49.40 -15.57 -41.37
C VAL B 204 49.75 -16.74 -40.45
N GLU B 205 50.19 -17.85 -41.03
CA GLU B 205 50.68 -18.96 -40.23
C GLU B 205 52.09 -18.71 -39.74
N GLU B 206 52.42 -19.53 -38.78
CA GLU B 206 53.71 -20.20 -38.61
C GLU B 206 54.77 -19.16 -38.66
N GLU B 207 55.89 -19.18 -39.36
CA GLU B 207 56.63 -17.94 -38.96
C GLU B 207 56.63 -16.92 -40.09
N GLY B 208 55.50 -16.80 -40.76
CA GLY B 208 55.24 -16.01 -41.93
C GLY B 208 55.40 -14.52 -41.75
N GLU B 209 55.43 -13.76 -42.84
CA GLU B 209 55.81 -12.36 -42.77
C GLU B 209 54.73 -11.44 -42.23
N VAL B 210 55.16 -10.43 -41.47
CA VAL B 210 54.32 -9.31 -41.10
C VAL B 210 55.10 -8.01 -41.30
N ARG B 211 54.45 -6.96 -41.79
CA ARG B 211 55.11 -5.67 -41.98
C ARG B 211 54.81 -4.70 -40.83
N VAL B 212 55.91 -4.23 -40.25
CA VAL B 212 55.92 -3.66 -38.90
C VAL B 212 56.77 -2.42 -38.76
N PHE B 213 56.36 -1.48 -37.90
CA PHE B 213 57.11 -0.29 -37.53
C PHE B 213 56.71 0.17 -36.12
N ILE B 214 57.52 1.01 -35.50
CA ILE B 214 57.22 1.42 -34.12
C ILE B 214 56.55 2.79 -34.18
N GLU B 215 55.53 2.96 -33.35
CA GLU B 215 54.96 4.27 -33.10
C GLU B 215 55.41 4.71 -31.71
N HIS B 216 56.40 5.60 -31.64
CA HIS B 216 56.94 6.07 -30.37
C HIS B 216 55.93 6.86 -29.57
N ASN B 217 55.86 6.58 -28.27
CA ASN B 217 54.93 7.41 -27.49
C ASN B 217 55.67 7.99 -26.31
N ASP B 218 56.25 9.18 -26.45
CA ASP B 218 56.99 9.67 -25.28
C ASP B 218 56.08 10.22 -24.19
N ASN B 219 54.76 10.24 -24.41
CA ASN B 219 53.84 10.69 -23.37
C ASN B 219 53.24 9.53 -22.58
N PHE B 220 53.78 8.33 -22.73
CA PHE B 220 53.34 7.18 -21.94
C PHE B 220 54.58 6.42 -21.50
N ARG B 221 55.06 6.67 -20.29
CA ARG B 221 56.34 6.15 -19.84
C ARG B 221 56.44 5.94 -18.32
N LEU B 222 57.12 4.86 -17.95
CA LEU B 222 57.43 4.58 -16.56
C LEU B 222 58.19 5.74 -15.92
N PRO B 223 58.14 5.88 -14.60
CA PRO B 223 58.93 6.91 -13.93
C PRO B 223 60.42 6.67 -14.13
N ALA B 224 61.19 7.75 -14.28
CA ALA B 224 62.64 7.62 -14.27
C ALA B 224 63.13 6.98 -12.97
N ASN B 225 62.44 7.26 -11.89
CA ASN B 225 62.87 6.86 -10.54
C ASN B 225 62.23 5.53 -10.17
N PRO B 226 63.10 4.52 -10.03
CA PRO B 226 62.68 3.15 -9.78
C PRO B 226 61.89 3.00 -8.48
N GLU B 227 62.07 3.97 -7.60
CA GLU B 227 61.39 3.97 -6.31
C GLU B 227 59.98 4.50 -6.43
N THR B 228 59.62 5.26 -7.47
CA THR B 228 58.28 5.87 -7.34
C THR B 228 57.19 4.84 -7.65
N PRO B 229 56.10 4.89 -6.90
CA PRO B 229 55.01 3.92 -7.08
C PRO B 229 54.30 4.16 -8.42
N VAL B 230 53.73 3.09 -8.94
CA VAL B 230 53.09 3.07 -10.26
C VAL B 230 51.70 2.48 -10.11
N ILE B 231 50.67 3.21 -10.53
CA ILE B 231 49.31 2.66 -10.53
C ILE B 231 48.87 2.50 -11.98
N MET B 232 48.43 1.30 -12.36
CA MET B 232 48.08 1.04 -13.75
C MET B 232 46.62 0.59 -13.83
N ILE B 233 45.85 1.24 -14.67
CA ILE B 233 44.44 0.96 -14.91
C ILE B 233 44.26 0.52 -16.35
N GLY B 234 44.13 -0.78 -16.60
CA GLY B 234 44.07 -1.17 -18.01
C GLY B 234 43.16 -2.36 -18.27
N PRO B 235 41.86 -2.10 -18.30
CA PRO B 235 40.91 -3.17 -18.60
C PRO B 235 41.05 -3.64 -20.05
N GLY B 236 40.65 -4.89 -20.29
CA GLY B 236 40.70 -5.52 -21.60
C GLY B 236 42.11 -5.54 -22.18
N THR B 237 42.24 -5.22 -23.45
CA THR B 237 43.48 -5.10 -24.20
C THR B 237 44.29 -3.91 -23.72
N GLY B 238 43.74 -3.09 -22.83
CA GLY B 238 44.51 -1.98 -22.28
C GLY B 238 45.61 -2.48 -21.35
N ILE B 239 45.54 -3.77 -21.01
CA ILE B 239 46.54 -4.42 -20.16
C ILE B 239 47.90 -4.40 -20.83
N ALA B 240 47.97 -4.28 -22.15
CA ALA B 240 49.16 -4.55 -22.93
C ALA B 240 50.38 -3.78 -22.46
N PRO B 241 50.33 -2.47 -22.35
CA PRO B 241 51.53 -1.73 -21.96
C PRO B 241 51.99 -2.01 -20.53
N PHE B 242 51.06 -2.40 -19.68
CA PHE B 242 51.28 -2.70 -18.27
C PHE B 242 52.03 -4.01 -18.12
N ARG B 243 51.88 -4.92 -19.08
CA ARG B 243 52.76 -6.09 -19.15
C ARG B 243 54.17 -5.64 -19.55
N ALA B 244 54.30 -4.73 -20.52
CA ALA B 244 55.56 -4.10 -20.85
C ALA B 244 56.16 -3.37 -19.65
N PHE B 245 55.37 -2.64 -18.86
CA PHE B 245 55.89 -1.90 -17.71
C PHE B 245 56.48 -2.85 -16.66
N MET B 246 55.77 -3.93 -16.32
CA MET B 246 56.22 -4.88 -15.31
C MET B 246 57.43 -5.69 -15.73
N GLN B 247 57.51 -6.04 -17.01
CA GLN B 247 58.68 -6.71 -17.56
C GLN B 247 59.89 -5.80 -17.38
N GLN B 248 59.66 -4.51 -17.56
CA GLN B 248 60.74 -3.54 -17.41
C GLN B 248 61.14 -3.41 -15.94
N ARG B 249 60.17 -3.15 -15.08
CA ARG B 249 60.55 -2.92 -13.69
C ARG B 249 61.15 -4.17 -13.07
N ALA B 250 60.68 -5.35 -13.51
CA ALA B 250 61.25 -6.60 -13.05
C ALA B 250 62.70 -6.73 -13.52
N ALA B 251 62.96 -6.56 -14.81
CA ALA B 251 64.30 -6.64 -15.37
C ALA B 251 65.27 -5.68 -14.69
N ASP B 252 64.76 -4.50 -14.34
CA ASP B 252 65.49 -3.40 -13.73
C ASP B 252 65.65 -3.60 -12.22
N GLU B 253 64.93 -4.58 -11.69
CA GLU B 253 64.81 -4.80 -10.26
C GLU B 253 64.53 -3.47 -9.58
N ALA B 254 63.47 -2.83 -10.06
CA ALA B 254 62.94 -1.61 -9.45
C ALA B 254 62.16 -1.99 -8.20
N PRO B 255 62.48 -1.37 -7.07
CA PRO B 255 61.82 -1.62 -5.79
C PRO B 255 60.46 -0.94 -5.64
N GLY B 256 60.18 0.02 -6.51
CA GLY B 256 58.93 0.75 -6.47
C GLY B 256 57.70 -0.15 -6.48
N LYS B 257 56.70 0.19 -5.68
CA LYS B 257 55.45 -0.52 -5.61
C LYS B 257 54.68 -0.34 -6.93
N ASN B 258 53.94 -1.38 -7.28
CA ASN B 258 53.11 -1.43 -8.46
C ASN B 258 51.71 -1.91 -8.10
N TRP B 259 50.72 -1.25 -8.67
CA TRP B 259 49.31 -1.51 -8.48
C TRP B 259 48.60 -1.65 -9.82
N LEU B 260 47.99 -2.81 -10.03
CA LEU B 260 47.19 -3.04 -11.23
C LEU B 260 45.69 -3.14 -10.94
N PHE B 261 44.90 -2.47 -11.76
CA PHE B 261 43.45 -2.48 -11.83
C PHE B 261 43.05 -3.11 -13.16
N PHE B 262 42.47 -4.31 -13.12
CA PHE B 262 42.06 -4.92 -14.39
C PHE B 262 40.57 -5.23 -14.34
N GLY B 263 39.90 -5.24 -15.48
CA GLY B 263 38.50 -5.58 -15.61
C GLY B 263 38.21 -6.26 -16.93
N ASN B 264 37.25 -7.17 -16.96
CA ASN B 264 36.84 -7.91 -18.16
C ASN B 264 35.52 -8.58 -17.82
N PRO B 265 34.78 -9.20 -18.73
CA PRO B 265 33.50 -9.81 -18.34
C PRO B 265 33.60 -10.96 -17.35
N HIS B 266 34.48 -11.94 -17.53
CA HIS B 266 34.54 -13.13 -16.67
C HIS B 266 35.93 -13.48 -16.17
N PHE B 267 36.09 -13.70 -14.87
CA PHE B 267 37.37 -14.11 -14.33
C PHE B 267 37.88 -15.34 -15.08
N THR B 268 36.97 -16.28 -15.31
CA THR B 268 37.43 -17.59 -15.76
C THR B 268 37.70 -17.64 -17.25
N GLU B 269 37.15 -16.72 -18.05
CA GLU B 269 37.36 -16.67 -19.48
C GLU B 269 38.30 -15.56 -19.94
N ASP B 270 38.34 -14.44 -19.22
CA ASP B 270 38.93 -13.22 -19.77
C ASP B 270 39.99 -12.58 -18.90
N PHE B 271 40.75 -13.36 -18.12
CA PHE B 271 41.83 -12.75 -17.34
C PHE B 271 43.13 -12.85 -18.13
N LEU B 272 43.40 -11.87 -18.99
CA LEU B 272 44.54 -11.86 -19.88
C LEU B 272 45.83 -11.92 -19.09
N TYR B 273 46.72 -12.85 -19.36
CA TYR B 273 48.03 -13.02 -18.75
C TYR B 273 48.01 -13.32 -17.24
N GLN B 274 46.94 -13.94 -16.80
CA GLN B 274 46.70 -14.29 -15.40
C GLN B 274 47.90 -14.87 -14.68
N VAL B 275 48.52 -15.88 -15.27
CA VAL B 275 49.63 -16.57 -14.66
C VAL B 275 50.83 -15.66 -14.44
N GLU B 276 51.01 -14.75 -15.41
CA GLU B 276 52.11 -13.81 -15.31
C GLU B 276 51.85 -12.86 -14.16
N TRP B 277 50.61 -12.41 -14.04
CA TRP B 277 50.27 -11.51 -12.95
C TRP B 277 50.47 -12.19 -11.58
N GLN B 278 50.00 -13.42 -11.46
CA GLN B 278 50.09 -14.19 -10.23
C GLN B 278 51.53 -14.37 -9.78
N ARG B 279 52.39 -14.61 -10.75
CA ARG B 279 53.82 -14.73 -10.50
C ARG B 279 54.40 -13.39 -10.07
N TYR B 280 53.95 -12.31 -10.69
CA TYR B 280 54.45 -11.00 -10.27
C TYR B 280 54.03 -10.73 -8.82
N VAL B 281 52.79 -11.09 -8.49
CA VAL B 281 52.35 -10.91 -7.10
C VAL B 281 53.30 -11.75 -6.24
N LYS B 282 53.37 -13.05 -6.52
CA LYS B 282 54.25 -13.99 -5.84
C LYS B 282 55.67 -13.48 -5.62
N GLU B 283 56.29 -12.83 -6.62
CA GLU B 283 57.69 -12.46 -6.35
C GLU B 283 57.81 -11.04 -5.80
N GLY B 284 56.66 -10.43 -5.53
CA GLY B 284 56.56 -9.10 -4.96
C GLY B 284 56.77 -7.95 -5.92
N VAL B 285 56.79 -8.17 -7.24
CA VAL B 285 57.00 -6.97 -8.07
C VAL B 285 55.67 -6.25 -8.25
N LEU B 286 54.57 -6.99 -8.41
CA LEU B 286 53.22 -6.47 -8.41
C LEU B 286 52.68 -6.46 -6.98
N THR B 287 52.61 -5.28 -6.39
CA THR B 287 52.29 -5.04 -4.99
C THR B 287 50.81 -5.30 -4.67
N ARG B 288 49.96 -4.69 -5.49
CA ARG B 288 48.52 -4.83 -5.36
C ARG B 288 47.91 -5.07 -6.74
N ILE B 289 46.78 -5.76 -6.71
CA ILE B 289 46.06 -5.92 -7.97
C ILE B 289 44.58 -5.82 -7.62
N ASP B 290 43.77 -5.26 -8.47
CA ASP B 290 42.33 -5.17 -8.22
C ASP B 290 41.60 -5.57 -9.49
N LEU B 291 40.58 -6.41 -9.34
CA LEU B 291 39.97 -6.98 -10.53
C LEU B 291 38.49 -6.68 -10.59
N ALA B 292 37.96 -6.31 -11.75
CA ALA B 292 36.53 -6.06 -11.84
C ALA B 292 35.93 -7.01 -12.87
N TRP B 293 35.08 -7.95 -12.46
CA TRP B 293 34.48 -8.83 -13.47
C TRP B 293 33.02 -8.44 -13.70
N SER B 294 32.78 -7.87 -14.86
CA SER B 294 31.53 -7.33 -15.34
C SER B 294 30.31 -8.23 -15.23
N ARG B 295 30.47 -9.44 -15.76
CA ARG B 295 29.35 -10.35 -15.93
C ARG B 295 29.39 -11.52 -14.96
N ASP B 296 30.14 -11.39 -13.87
CA ASP B 296 30.35 -12.49 -12.93
C ASP B 296 29.36 -12.46 -11.77
N GLN B 297 28.32 -11.65 -11.88
CA GLN B 297 27.33 -11.62 -10.80
C GLN B 297 26.03 -11.00 -11.31
N LYS B 298 26.16 -10.33 -12.44
CA LYS B 298 25.05 -9.76 -13.20
C LYS B 298 24.62 -8.41 -12.63
N GLU B 299 25.44 -7.95 -11.70
CA GLU B 299 25.62 -6.56 -11.32
C GLU B 299 26.99 -6.17 -11.89
N LYS B 300 26.94 -5.32 -12.91
CA LYS B 300 28.17 -4.96 -13.62
C LYS B 300 29.09 -4.14 -12.72
N VAL B 301 30.29 -4.70 -12.54
CA VAL B 301 31.34 -4.03 -11.81
C VAL B 301 32.40 -3.61 -12.81
N TYR B 302 32.99 -2.44 -12.62
CA TYR B 302 34.04 -2.00 -13.55
C TYR B 302 35.26 -1.52 -12.79
N VAL B 303 36.38 -1.23 -13.45
CA VAL B 303 37.58 -0.74 -12.76
C VAL B 303 37.28 0.51 -11.94
N GLN B 304 36.47 1.43 -12.45
CA GLN B 304 36.19 2.68 -11.73
C GLN B 304 35.50 2.41 -10.38
N ASP B 305 34.73 1.32 -10.31
CA ASP B 305 34.11 0.91 -9.05
C ASP B 305 35.19 0.45 -8.09
N LYS B 306 36.16 -0.27 -8.62
CA LYS B 306 37.30 -0.72 -7.82
C LYS B 306 38.10 0.48 -7.30
N LEU B 307 38.22 1.50 -8.13
CA LEU B 307 38.93 2.73 -7.83
C LEU B 307 38.29 3.47 -6.66
N ARG B 308 36.97 3.59 -6.65
CA ARG B 308 36.26 4.22 -5.56
C ARG B 308 36.33 3.42 -4.27
N GLU B 309 36.22 2.09 -4.43
CA GLU B 309 36.36 1.17 -3.30
C GLU B 309 37.75 1.31 -2.67
N GLN B 310 38.81 1.42 -3.48
CA GLN B 310 40.18 1.46 -2.99
C GLN B 310 40.65 2.91 -2.80
N GLY B 311 39.75 3.86 -2.88
CA GLY B 311 40.03 5.28 -2.82
C GLY B 311 40.96 5.77 -1.74
N ALA B 312 40.74 5.43 -0.47
CA ALA B 312 41.67 5.87 0.56
C ALA B 312 43.12 5.46 0.29
N GLU B 313 43.38 4.21 -0.11
CA GLU B 313 44.75 3.73 -0.30
C GLU B 313 45.37 4.24 -1.60
N LEU B 314 44.51 4.46 -2.58
CA LEU B 314 44.88 5.06 -3.85
C LEU B 314 45.43 6.46 -3.57
N TRP B 315 44.57 7.28 -2.95
CA TRP B 315 44.96 8.62 -2.58
C TRP B 315 46.25 8.60 -1.77
N ARG B 316 46.35 7.64 -0.85
CA ARG B 316 47.59 7.47 -0.11
C ARG B 316 48.77 7.34 -1.06
N TRP B 317 48.63 6.45 -2.04
CA TRP B 317 49.67 6.26 -3.03
C TRP B 317 49.91 7.54 -3.82
N ILE B 318 48.81 8.12 -4.29
CA ILE B 318 48.93 9.35 -5.09
C ILE B 318 49.54 10.46 -4.23
N ASN B 319 49.14 10.53 -2.96
CA ASN B 319 49.75 11.53 -2.08
C ASN B 319 51.25 11.24 -1.92
N ASP B 320 51.61 9.98 -2.13
CA ASP B 320 52.97 9.47 -2.12
C ASP B 320 53.73 9.77 -3.40
N GLY B 321 53.11 10.36 -4.42
CA GLY B 321 53.85 10.70 -5.63
C GLY B 321 53.69 9.68 -6.75
N ALA B 322 52.70 8.81 -6.62
CA ALA B 322 52.45 7.79 -7.62
C ALA B 322 52.18 8.38 -9.00
N HIS B 323 52.65 7.68 -10.03
CA HIS B 323 52.24 7.97 -11.39
C HIS B 323 51.04 7.08 -11.74
N ILE B 324 50.03 7.66 -12.36
CA ILE B 324 48.82 6.96 -12.74
C ILE B 324 48.71 6.82 -14.25
N TYR B 325 48.41 5.63 -14.75
CA TYR B 325 48.36 5.31 -16.17
C TYR B 325 47.00 4.70 -16.48
N VAL B 326 46.33 5.14 -17.53
CA VAL B 326 45.09 4.54 -17.97
C VAL B 326 45.28 4.13 -19.42
N CYS B 327 44.89 2.90 -19.78
CA CYS B 327 44.99 2.41 -21.15
C CYS B 327 43.76 1.60 -21.50
N GLY B 328 43.24 1.68 -22.72
CA GLY B 328 42.04 0.89 -23.04
C GLY B 328 41.00 1.69 -23.81
N ASP B 329 39.73 1.34 -23.62
CA ASP B 329 38.65 2.02 -24.31
C ASP B 329 38.57 3.49 -23.92
N ALA B 330 38.72 4.37 -24.90
CA ALA B 330 38.63 5.79 -24.60
C ALA B 330 37.20 6.21 -24.30
N ASN B 331 36.32 5.70 -25.15
CA ASN B 331 34.91 5.95 -25.28
C ASN B 331 34.14 5.83 -23.97
N ARG B 332 34.08 4.66 -23.35
CA ARG B 332 33.35 4.50 -22.10
C ARG B 332 34.28 4.57 -20.89
N MET B 333 35.23 3.65 -20.91
CA MET B 333 36.19 3.41 -19.85
C MET B 333 36.96 4.65 -19.43
N ALA B 334 37.50 5.43 -20.37
CA ALA B 334 38.40 6.52 -19.99
C ALA B 334 37.67 7.64 -19.24
N LYS B 335 36.46 7.99 -19.66
CA LYS B 335 35.66 8.99 -18.95
C LYS B 335 35.27 8.51 -17.56
N ASP B 336 34.85 7.26 -17.44
CA ASP B 336 34.38 6.73 -16.15
C ASP B 336 35.52 6.67 -15.13
N VAL B 337 36.69 6.27 -15.58
CA VAL B 337 37.87 6.16 -14.72
C VAL B 337 38.31 7.54 -14.30
N GLU B 338 38.33 8.51 -15.20
CA GLU B 338 38.66 9.88 -14.82
C GLU B 338 37.70 10.45 -13.79
N GLN B 339 36.39 10.25 -14.00
CA GLN B 339 35.40 10.69 -13.02
C GLN B 339 35.69 10.06 -11.67
N ALA B 340 36.07 8.78 -11.63
CA ALA B 340 36.40 8.12 -10.37
C ALA B 340 37.67 8.72 -9.78
N LEU B 341 38.70 8.96 -10.60
CA LEU B 341 39.90 9.60 -10.05
C LEU B 341 39.54 10.96 -9.47
N LEU B 342 38.71 11.74 -10.16
CA LEU B 342 38.39 13.04 -9.57
C LEU B 342 37.56 12.90 -8.31
N GLU B 343 36.70 11.89 -8.21
CA GLU B 343 35.89 11.73 -7.00
C GLU B 343 36.77 11.28 -5.83
N VAL B 344 37.70 10.36 -6.09
CA VAL B 344 38.65 9.90 -5.09
C VAL B 344 39.57 11.01 -4.60
N ILE B 345 39.99 11.90 -5.49
CA ILE B 345 40.92 12.96 -5.09
C ILE B 345 40.20 13.94 -4.18
N ALA B 346 38.92 14.17 -4.46
CA ALA B 346 38.06 15.06 -3.71
C ALA B 346 37.64 14.47 -2.36
N GLU B 347 37.13 13.25 -2.40
CA GLU B 347 36.72 12.48 -1.23
C GLU B 347 37.89 12.33 -0.27
N PHE B 348 38.93 11.57 -0.63
CA PHE B 348 39.99 11.23 0.30
C PHE B 348 41.13 12.25 0.30
N GLY B 349 41.27 13.01 -0.75
CA GLY B 349 42.27 14.05 -0.84
C GLY B 349 41.88 15.29 -0.05
N GLY B 350 40.63 15.32 0.38
CA GLY B 350 40.08 16.43 1.15
C GLY B 350 40.14 17.72 0.34
N MET B 351 39.43 17.73 -0.77
CA MET B 351 39.44 18.82 -1.72
C MET B 351 38.06 19.09 -2.30
N ASP B 352 37.76 20.36 -2.57
CA ASP B 352 36.50 20.61 -3.26
C ASP B 352 36.66 20.24 -4.73
N THR B 353 35.55 19.98 -5.39
CA THR B 353 35.50 19.62 -6.79
C THR B 353 36.36 20.49 -7.69
N GLU B 354 36.37 21.80 -7.47
CA GLU B 354 37.18 22.59 -8.39
C GLU B 354 38.67 22.34 -8.12
N ALA B 355 39.06 22.21 -6.86
CA ALA B 355 40.48 22.02 -6.61
C ALA B 355 40.95 20.61 -6.94
N ALA B 356 40.04 19.63 -7.05
CA ALA B 356 40.44 18.28 -7.42
C ALA B 356 40.72 18.23 -8.93
N ASP B 357 39.96 19.06 -9.64
CA ASP B 357 40.11 19.38 -11.04
C ASP B 357 41.52 19.96 -11.29
N GLU B 358 41.83 20.96 -10.49
CA GLU B 358 43.12 21.62 -10.43
C GLU B 358 44.24 20.62 -10.15
N PHE B 359 44.01 19.75 -9.18
CA PHE B 359 44.99 18.76 -8.78
C PHE B 359 45.26 17.78 -9.91
N LEU B 360 44.23 17.30 -10.60
CA LEU B 360 44.46 16.33 -11.69
C LEU B 360 45.22 17.00 -12.85
N SER B 361 45.07 18.29 -13.05
CA SER B 361 45.78 19.08 -14.05
C SER B 361 47.28 19.16 -13.76
N GLU B 362 47.57 19.38 -12.48
CA GLU B 362 48.97 19.44 -12.05
C GLU B 362 49.60 18.06 -12.23
N LEU B 363 48.87 16.98 -11.91
CA LEU B 363 49.39 15.64 -12.16
C LEU B 363 49.72 15.47 -13.64
N ARG B 364 48.79 15.87 -14.51
CA ARG B 364 49.03 15.72 -15.95
C ARG B 364 50.32 16.44 -16.34
N VAL B 365 50.44 17.73 -16.00
CA VAL B 365 51.65 18.45 -16.34
C VAL B 365 52.92 17.86 -15.74
N GLU B 366 52.84 17.16 -14.61
CA GLU B 366 54.04 16.55 -14.04
C GLU B 366 54.26 15.11 -14.52
N ARG B 367 53.50 14.67 -15.52
CA ARG B 367 53.73 13.33 -16.06
C ARG B 367 53.35 12.26 -15.06
N ARG B 368 52.51 12.61 -14.08
CA ARG B 368 52.10 11.63 -13.08
C ARG B 368 50.73 11.05 -13.39
N TYR B 369 50.10 11.52 -14.47
CA TYR B 369 48.82 11.02 -14.95
C TYR B 369 48.83 10.92 -16.48
N GLN B 370 49.09 9.71 -17.00
CA GLN B 370 49.13 9.57 -18.45
C GLN B 370 48.09 8.56 -18.92
N ARG B 371 47.59 8.81 -20.12
CA ARG B 371 46.60 7.99 -20.78
C ARG B 371 47.04 7.65 -22.20
N ASP B 372 46.57 6.51 -22.66
CA ASP B 372 46.69 5.95 -23.99
C ASP B 372 45.42 5.15 -24.26
N VAL B 373 44.41 5.88 -24.70
CA VAL B 373 43.10 5.28 -24.92
C VAL B 373 42.71 5.41 -26.39
N TYR B 374 41.84 4.52 -26.83
CA TYR B 374 41.54 4.34 -28.24
C TYR B 374 40.16 3.74 -28.49
#